data_8OSJ
#
_entry.id   8OSJ
#
loop_
_entity.id
_entity.type
_entity.pdbx_description
1 polymer 'Histone H3.1'
2 polymer 'Histone H4'
3 polymer 'Histone H2A type 1-B/E'
4 polymer 'Histone H2B type 1-J'
5 polymer 'DNA (124-MER)'
6 polymer 'DNA (124-MER)'
7 polymer 'Circadian locomoter output cycles protein kaput'
8 polymer 'Basic helix-loop-helix ARNT-like protein 1'
#
loop_
_entity_poly.entity_id
_entity_poly.type
_entity_poly.pdbx_seq_one_letter_code
_entity_poly.pdbx_strand_id
1 'polypeptide(L)'
;GSHMARTKQTARKSTGGKAPRKQLATKAARKSAPATGGVKKPHRYRPGTVALREIRRYQKSTELLIRKLPFQRLVREIAQ
DFKTDLRFQSSAVMALQEACEAYLVGLFEDTNLCAIHAKRVTIMPKDIQLARRIRGERA
;
A,E
2 'polypeptide(L)'
;GSHMSGRGKGGKGLGKGGAKRHRKVLRDNIQGITKPAIRRLARRGGVKRISGLIYEETRGVLKVFLENVIRDAVTYTEHA
KRKTVTAMDVVYALKRQGRTLYGFGG
;
B,F
3 'polypeptide(L)'
;GSHMSGRGKQGGKARAKAKTRSSRAGLQFPVGRVHRLLRKGNYSERVGAGAPVYLAAVLEYLTAEILELAGNAARDNKKT
RIIPRHLQLAIRNDEELNKLLGRVTIAQGGVLPNIQAVLLPKKTESHHKAKGK
;
C,G
4 'polypeptide(L)'
;GSHMPEPAKSAPAPKKGSKKAVTKAQKKDGKKRKRSRKESYSIYVYKVLKQVHPDTGISSKAMGIMNSFVNDIFERIAGE
ASRLAHYNKRSTITSREIQTAVRLLLPGELAKHAVSEGTKAVTKYTSA
;
D,H
5 'polydeoxyribonucleotide'
;(DA)(DT)(DC)(DC)(DT)(DG)(DG)(DA)(DG)(DG)(DG)(DT)(DC)(DA)(DC)(DG)(DT)(DG)(DC)(DT)
(DG)(DC)(DA)(DG)(DG)(DC)(DC)(DG)(DC)(DT)(DC)(DA)(DA)(DT)(DT)(DG)(DG)(DT)(DC)(DG)
(DT)(DA)(DG)(DA)(DC)(DA)(DG)(DC)(DT)(DC)(DT)(DA)(DG)(DC)(DA)(DC)(DC)(DG)(DC)(DT)
(DT)(DA)(DA)(DA)(DC)(DG)(DC)(DA)(DC)(DG)(DT)(DA)(DC)(DG)(DC)(DG)(DC)(DT)(DG)(DT)
(DC)(DC)(DC)(DC)(DC)(DG)(DC)(DG)(DT)(DT)(DT)(DT)(DA)(DA)(DC)(DC)(DG)(DC)(DC)(DA)
(DA)(DG)(DG)(DG)(DG)(DA)(DT)(DT)(DA)(DC)(DT)(DC)(DC)(DC)(DT)(DA)(DG)(DT)(DC)(DT)
(DC)(DC)(DA)(DG)(DG)(DC)(DA)(DC)(DG)(DT)(DG)(DT)(DC)(DA)(DG)(DA)(DT)(DA)(DT)(DA)
(DT)(DA)(DC)(DA)(DT)(DC)(DC)(DT)(DG)(DT)(DG)(DA)(DT)
;
I
6 'polydeoxyribonucleotide'
;(DA)(DT)(DC)(DA)(DC)(DA)(DG)(DG)(DA)(DT)(DG)(DT)(DA)(DT)(DA)(DT)(DA)(DT)(DC)(DT)
(DG)(DA)(DC)(DA)(DC)(DG)(DT)(DG)(DC)(DC)(DT)(DG)(DG)(DA)(DG)(DA)(DC)(DT)(DA)(DG)
(DG)(DG)(DA)(DG)(DT)(DA)(DA)(DT)(DC)(DC)(DC)(DC)(DT)(DT)(DG)(DG)(DC)(DG)(DG)(DT)
(DT)(DA)(DA)(DA)(DA)(DC)(DG)(DC)(DG)(DG)(DG)(DG)(DG)(DA)(DC)(DA)(DG)(DC)(DG)(DC)
(DG)(DT)(DA)(DC)(DG)(DT)(DG)(DC)(DG)(DT)(DT)(DT)(DA)(DA)(DG)(DC)(DG)(DG)(DT)(DG)
(DC)(DT)(DA)(DG)(DA)(DG)(DC)(DT)(DG)(DT)(DC)(DT)(DA)(DC)(DG)(DA)(DC)(DC)(DA)(DA)
(DT)(DT)(DG)(DA)(DG)(DC)(DG)(DG)(DC)(DC)(DT)(DG)(DC)(DA)(DG)(DC)(DA)(DC)(DG)(DT)
(DG)(DA)(DC)(DC)(DC)(DT)(DC)(DC)(DA)(DG)(DG)(DA)(DT)
;
J
7 'polypeptide(L)'
;GAMNPVEEDDKDKAKRVSRNKSEKKRRDQFNVLIKELGSMLPGNARKMDKSTVLQKSIDFLRKHKETTAQSDASEIRQDW
KPTFLSNEEFTQLMLEALDGFFLAIMTDGSIIYVSESVTSLLEHLPSDLVDQSIFNFIPEGEHSEVYKILSTHLLESDSL
TPEYLKSKNQLEFCCHMLRGTIDPKEPSTYEYVRFIGNFKSLTSVSTSTHNGFEGTIQRTHRPSYEDRVCFVATVRLATP
QFIKEMCTVEEPNEEFTSRHSLEWKFLFLDHRAPPIIGYLPFEVLGTSGYDYYHVDDLENLAKCHEHLMQYGKGKSCYYR
FLTKGQQWIWLQTHYYITYHQWNSRPEFIVCTHTVVSYAEVRAERRRELGIEESL
;
M
8 'polypeptide(L)'
;GAMNPEYAEHQGRIKNAREAHSQIEKRRRDKMNSFIDELASLVPTCNAMSRKLDKLTVLRMAVQHMKTLRGATNPYTEAN
YKPTFLSDDELKHLILRAADGFLFVVGCDRGKILFVSESVFKILNYSQNDLIGQSLFDYLHPKDIAKVKEQLSSSDTAPR
ERLIDAKTGLPVKTDITPGPSRLCSGARRSFFCRMKCNRPSVKVEDKDFASTCSKKKDRKSFCTIHSTGYLKSWPPTKMG
LDEDNEPDNEGCNLSCLVAIGRLHSHMVPQPANGEIRVKSMEYVSRHAIDGKFVFVDQRATAILAYLPQELLGTSCYEYF
HQDDIGHLAECHRQVLQTREKITTNCYKFKIKDGSFITLRSRWFSFMNPWTKEVEYIVSTNTVV
;
N
#
loop_
_chem_comp.id
_chem_comp.type
_chem_comp.name
_chem_comp.formula
DA DNA linking 2'-DEOXYADENOSINE-5'-MONOPHOSPHATE 'C10 H14 N5 O6 P'
DC DNA linking 2'-DEOXYCYTIDINE-5'-MONOPHOSPHATE 'C9 H14 N3 O7 P'
DG DNA linking 2'-DEOXYGUANOSINE-5'-MONOPHOSPHATE 'C10 H14 N5 O7 P'
DT DNA linking THYMIDINE-5'-MONOPHOSPHATE 'C10 H15 N2 O8 P'
#
# COMPACT_ATOMS: atom_id res chain seq x y z
N THR A 49 -9.78 -28.01 -32.48
CA THR A 49 -11.21 -27.90 -32.77
C THR A 49 -12.03 -28.34 -31.56
N VAL A 50 -11.58 -29.42 -30.93
CA VAL A 50 -12.27 -29.96 -29.78
C VAL A 50 -12.18 -28.98 -28.61
N ALA A 51 -11.00 -28.41 -28.43
CA ALA A 51 -10.76 -27.49 -27.32
C ALA A 51 -11.66 -26.27 -27.40
N LEU A 52 -11.85 -25.75 -28.60
CA LEU A 52 -12.68 -24.56 -28.77
C LEU A 52 -14.14 -24.86 -28.46
N ARG A 53 -14.63 -26.01 -28.87
CA ARG A 53 -16.00 -26.39 -28.56
C ARG A 53 -16.18 -26.57 -27.06
N GLU A 54 -15.17 -27.16 -26.42
CA GLU A 54 -15.19 -27.35 -24.97
C GLU A 54 -15.17 -26.02 -24.23
N ILE A 55 -14.38 -25.08 -24.72
CA ILE A 55 -14.31 -23.75 -24.13
C ILE A 55 -15.66 -23.07 -24.22
N ARG A 56 -16.30 -23.15 -25.38
CA ARG A 56 -17.60 -22.53 -25.58
C ARG A 56 -18.65 -23.13 -24.67
N ARG A 57 -18.63 -24.45 -24.52
CA ARG A 57 -19.60 -25.14 -23.69
C ARG A 57 -19.46 -24.75 -22.21
N TYR A 58 -18.22 -24.72 -21.73
CA TYR A 58 -17.98 -24.45 -20.32
C TYR A 58 -18.19 -22.98 -20.00
N GLN A 59 -17.93 -22.11 -20.97
CA GLN A 59 -18.23 -20.70 -20.80
C GLN A 59 -19.73 -20.44 -20.87
N LYS A 60 -20.44 -21.25 -21.64
CA LYS A 60 -21.89 -21.10 -21.78
C LYS A 60 -22.64 -21.54 -20.53
N SER A 61 -22.16 -22.61 -19.89
CA SER A 61 -22.84 -23.17 -18.74
C SER A 61 -22.41 -22.53 -17.42
N THR A 62 -23.14 -22.83 -16.34
CA THR A 62 -22.88 -22.22 -15.05
C THR A 62 -22.56 -23.21 -13.92
N GLU A 63 -22.59 -24.51 -14.21
CA GLU A 63 -22.41 -25.52 -13.17
C GLU A 63 -20.96 -25.61 -12.71
N LEU A 64 -20.76 -26.16 -11.52
CA LEU A 64 -19.43 -26.40 -10.98
C LEU A 64 -18.72 -27.48 -11.79
N LEU A 65 -17.44 -27.28 -12.05
CA LEU A 65 -16.66 -28.22 -12.85
C LEU A 65 -15.83 -29.17 -11.99
N ILE A 66 -15.99 -29.06 -10.67
CA ILE A 66 -15.29 -29.91 -9.72
C ILE A 66 -16.28 -30.77 -8.93
N ARG A 67 -15.95 -32.05 -8.78
CA ARG A 67 -16.82 -32.97 -8.07
C ARG A 67 -16.84 -32.64 -6.59
N LYS A 68 -18.03 -32.71 -5.99
CA LYS A 68 -18.23 -32.14 -4.67
C LYS A 68 -17.58 -32.94 -3.55
N LEU A 69 -17.71 -34.26 -3.58
CA LEU A 69 -17.19 -35.04 -2.48
C LEU A 69 -15.67 -34.90 -2.30
N PRO A 70 -14.87 -34.95 -3.37
CA PRO A 70 -13.45 -34.68 -3.37
C PRO A 70 -13.15 -33.29 -2.82
N PHE A 71 -14.00 -32.32 -3.17
CA PHE A 71 -13.84 -30.97 -2.67
C PHE A 71 -14.11 -30.88 -1.18
N GLN A 72 -15.19 -31.53 -0.75
CA GLN A 72 -15.57 -31.50 0.66
C GLN A 72 -14.49 -32.13 1.51
N ARG A 73 -13.93 -33.23 1.03
CA ARG A 73 -12.88 -33.92 1.76
C ARG A 73 -11.62 -33.07 1.82
N LEU A 74 -11.33 -32.36 0.73
CA LEU A 74 -10.17 -31.47 0.69
C LEU A 74 -10.32 -30.34 1.72
N VAL A 75 -11.51 -29.78 1.82
CA VAL A 75 -11.74 -28.70 2.77
C VAL A 75 -11.53 -29.20 4.20
N ARG A 76 -12.07 -30.37 4.50
CA ARG A 76 -11.92 -30.95 5.82
C ARG A 76 -10.49 -31.40 6.05
N GLU A 77 -9.82 -31.86 4.99
CA GLU A 77 -8.42 -32.25 5.06
C GLU A 77 -7.54 -31.09 5.51
N ILE A 78 -7.86 -29.90 5.01
CA ILE A 78 -7.15 -28.70 5.39
C ILE A 78 -7.58 -28.18 6.75
N ALA A 79 -8.88 -28.09 6.96
CA ALA A 79 -9.41 -27.44 8.16
C ALA A 79 -8.93 -28.15 9.42
N GLN A 80 -8.76 -29.47 9.34
CA GLN A 80 -8.33 -30.27 10.48
C GLN A 80 -6.93 -29.86 10.95
N ASP A 81 -6.16 -29.23 10.05
CA ASP A 81 -4.80 -28.80 10.38
C ASP A 81 -4.84 -27.68 11.40
N PHE A 82 -5.87 -26.84 11.32
CA PHE A 82 -6.01 -25.70 12.20
C PHE A 82 -6.66 -26.11 13.51
N LYS A 83 -7.74 -26.88 13.40
CA LYS A 83 -8.42 -27.43 14.57
C LYS A 83 -9.09 -28.76 14.22
N THR A 84 -8.98 -29.71 15.12
CA THR A 84 -9.61 -31.01 14.90
C THR A 84 -11.07 -30.99 15.31
N ASP A 85 -11.80 -32.03 14.91
CA ASP A 85 -13.18 -32.22 15.34
C ASP A 85 -14.07 -31.02 14.99
N LEU A 86 -13.85 -30.47 13.81
CA LEU A 86 -14.67 -29.36 13.31
C LEU A 86 -15.90 -29.86 12.56
N ARG A 87 -16.92 -29.02 12.53
CA ARG A 87 -18.12 -29.27 11.75
C ARG A 87 -18.31 -28.14 10.76
N PHE A 88 -18.90 -28.43 9.61
CA PHE A 88 -19.02 -27.44 8.55
C PHE A 88 -20.43 -27.40 7.97
N GLN A 89 -20.91 -26.20 7.70
CA GLN A 89 -22.14 -26.06 6.92
C GLN A 89 -21.88 -26.32 5.44
N SER A 90 -22.84 -26.97 4.78
CA SER A 90 -22.69 -27.28 3.37
C SER A 90 -22.61 -26.04 2.51
N SER A 91 -23.38 -25.02 2.88
CA SER A 91 -23.40 -23.77 2.11
C SER A 91 -22.07 -23.06 2.21
N ALA A 92 -21.40 -23.20 3.35
CA ALA A 92 -20.09 -22.61 3.55
C ALA A 92 -19.07 -23.24 2.62
N VAL A 93 -19.15 -24.57 2.49
CA VAL A 93 -18.23 -25.30 1.63
C VAL A 93 -18.45 -24.96 0.16
N MET A 94 -19.71 -24.88 -0.25
CA MET A 94 -20.02 -24.54 -1.63
C MET A 94 -19.58 -23.11 -1.96
N ALA A 95 -19.70 -22.21 -1.00
CA ALA A 95 -19.23 -20.85 -1.18
C ALA A 95 -17.74 -20.86 -1.47
N LEU A 96 -17.01 -21.70 -0.76
CA LEU A 96 -15.57 -21.84 -0.98
C LEU A 96 -15.29 -22.37 -2.37
N GLN A 97 -16.06 -23.37 -2.80
CA GLN A 97 -15.81 -24.00 -4.09
C GLN A 97 -16.01 -23.03 -5.24
N GLU A 98 -17.05 -22.20 -5.14
CA GLU A 98 -17.33 -21.25 -6.20
C GLU A 98 -16.21 -20.22 -6.31
N ALA A 99 -15.72 -19.77 -5.16
CA ALA A 99 -14.62 -18.82 -5.13
C ALA A 99 -13.35 -19.43 -5.71
N CYS A 100 -13.12 -20.71 -5.41
CA CYS A 100 -11.93 -21.40 -5.86
C CYS A 100 -11.91 -21.56 -7.38
N GLU A 101 -13.04 -21.94 -7.94
CA GLU A 101 -13.11 -22.12 -9.39
C GLU A 101 -12.97 -20.79 -10.10
N ALA A 102 -13.59 -19.74 -9.56
CA ALA A 102 -13.47 -18.41 -10.13
C ALA A 102 -12.02 -17.96 -10.13
N TYR A 103 -11.31 -18.25 -9.04
CA TYR A 103 -9.90 -17.92 -8.93
C TYR A 103 -9.08 -18.57 -10.02
N LEU A 104 -9.29 -19.87 -10.21
CA LEU A 104 -8.51 -20.62 -11.19
C LEU A 104 -8.80 -20.16 -12.61
N VAL A 105 -10.04 -19.79 -12.87
CA VAL A 105 -10.41 -19.31 -14.21
C VAL A 105 -9.64 -18.03 -14.53
N GLY A 106 -9.56 -17.13 -13.55
CA GLY A 106 -8.78 -15.91 -13.73
C GLY A 106 -7.31 -16.23 -13.95
N LEU A 107 -6.79 -17.21 -13.21
CA LEU A 107 -5.40 -17.62 -13.36
C LEU A 107 -5.15 -18.14 -14.77
N PHE A 108 -6.09 -18.96 -15.25
CA PHE A 108 -5.93 -19.57 -16.56
C PHE A 108 -5.96 -18.54 -17.68
N GLU A 109 -6.84 -17.54 -17.55
CA GLU A 109 -6.93 -16.50 -18.57
C GLU A 109 -5.62 -15.72 -18.68
N ASP A 110 -5.05 -15.34 -17.54
CA ASP A 110 -3.79 -14.59 -17.54
C ASP A 110 -2.64 -15.45 -18.00
N THR A 111 -2.66 -16.72 -17.61
CA THR A 111 -1.63 -17.66 -18.01
C THR A 111 -1.61 -17.81 -19.52
N ASN A 112 -2.80 -17.93 -20.11
CA ASN A 112 -2.93 -18.08 -21.55
C ASN A 112 -2.40 -16.84 -22.27
N LEU A 113 -2.71 -15.66 -21.73
CA LEU A 113 -2.25 -14.42 -22.34
C LEU A 113 -0.74 -14.31 -22.31
N CYS A 114 -0.13 -14.78 -21.22
CA CYS A 114 1.33 -14.75 -21.11
C CYS A 114 1.96 -15.65 -22.17
N ALA A 115 1.36 -16.82 -22.38
CA ALA A 115 1.84 -17.73 -23.41
C ALA A 115 1.73 -17.11 -24.79
N ILE A 116 0.63 -16.38 -25.01
CA ILE A 116 0.39 -15.71 -26.29
C ILE A 116 1.41 -14.60 -26.52
N HIS A 117 1.73 -13.86 -25.48
CA HIS A 117 2.76 -12.81 -25.55
C HIS A 117 4.08 -13.40 -25.99
N ALA A 118 4.35 -14.62 -25.53
CA ALA A 118 5.57 -15.34 -25.86
C ALA A 118 5.44 -16.06 -27.19
N LYS A 119 4.33 -15.81 -27.89
CA LYS A 119 4.04 -16.43 -29.18
C LYS A 119 3.93 -17.95 -29.07
N ARG A 120 3.26 -18.41 -28.02
CA ARG A 120 2.98 -19.82 -27.82
C ARG A 120 1.50 -20.04 -27.55
N VAL A 121 1.01 -21.24 -27.84
CA VAL A 121 -0.37 -21.61 -27.55
C VAL A 121 -0.46 -22.44 -26.29
N THR A 122 0.47 -23.38 -26.13
CA THR A 122 0.50 -24.25 -24.96
C THR A 122 0.90 -23.47 -23.73
N ILE A 123 0.15 -23.65 -22.65
CA ILE A 123 0.49 -23.00 -21.38
C ILE A 123 1.45 -23.84 -20.55
N MET A 124 2.42 -23.17 -19.93
CA MET A 124 3.39 -23.81 -19.06
C MET A 124 3.39 -23.13 -17.69
N PRO A 125 3.91 -23.80 -16.65
CA PRO A 125 4.08 -23.28 -15.31
C PRO A 125 4.86 -21.96 -15.33
N LYS A 126 5.74 -21.83 -16.30
CA LYS A 126 6.51 -20.61 -16.49
C LYS A 126 5.59 -19.42 -16.74
N ASP A 127 4.50 -19.66 -17.48
CA ASP A 127 3.54 -18.62 -17.81
C ASP A 127 2.69 -18.30 -16.59
N ILE A 128 2.36 -19.33 -15.82
CA ILE A 128 1.61 -19.16 -14.59
C ILE A 128 2.41 -18.33 -13.61
N GLN A 129 3.70 -18.64 -13.51
CA GLN A 129 4.59 -17.98 -12.57
C GLN A 129 4.72 -16.49 -12.88
N LEU A 130 4.79 -16.15 -14.17
CA LEU A 130 4.86 -14.75 -14.54
C LEU A 130 3.58 -14.03 -14.16
N ALA A 131 2.44 -14.63 -14.51
CA ALA A 131 1.15 -14.00 -14.22
C ALA A 131 0.97 -13.82 -12.72
N ARG A 132 1.35 -14.82 -11.96
CA ARG A 132 1.21 -14.76 -10.51
C ARG A 132 2.12 -13.70 -9.92
N ARG A 133 3.34 -13.61 -10.43
CA ARG A 133 4.30 -12.63 -9.93
C ARG A 133 3.81 -11.21 -10.19
N ILE A 134 3.30 -10.97 -11.39
CA ILE A 134 2.82 -9.64 -11.76
C ILE A 134 1.65 -9.22 -10.87
N ARG A 135 0.80 -10.17 -10.53
CA ARG A 135 -0.36 -9.88 -9.69
C ARG A 135 0.01 -9.90 -8.20
N GLY A 136 1.29 -10.06 -7.92
CA GLY A 136 1.81 -9.98 -6.55
C GLY A 136 1.76 -11.31 -5.78
N GLU A 137 1.45 -12.40 -6.47
CA GLU A 137 1.40 -13.73 -5.86
C GLU A 137 2.78 -14.39 -5.90
N ARG B 27 -6.49 -37.14 4.10
CA ARG B 27 -5.26 -36.80 3.36
C ARG B 27 -5.43 -37.01 1.87
N ASP B 28 -4.58 -36.34 1.10
CA ASP B 28 -4.45 -36.57 -0.35
C ASP B 28 -5.77 -36.43 -1.10
N ASN B 29 -6.58 -35.44 -0.74
CA ASN B 29 -7.79 -35.18 -1.50
C ASN B 29 -7.58 -34.11 -2.57
N ILE B 30 -6.37 -33.55 -2.60
CA ILE B 30 -6.01 -32.63 -3.67
C ILE B 30 -5.86 -33.38 -4.99
N GLN B 31 -5.46 -34.65 -4.89
CA GLN B 31 -5.40 -35.54 -6.04
C GLN B 31 -6.81 -35.86 -6.54
N GLY B 32 -7.80 -35.55 -5.71
CA GLY B 32 -9.21 -35.75 -6.05
C GLY B 32 -9.63 -34.84 -7.19
N ILE B 33 -8.82 -33.82 -7.46
CA ILE B 33 -9.05 -32.95 -8.61
C ILE B 33 -8.33 -33.54 -9.81
N THR B 34 -9.08 -34.28 -10.63
CA THR B 34 -8.49 -35.11 -11.66
C THR B 34 -8.06 -34.27 -12.86
N LYS B 35 -7.25 -34.85 -13.73
CA LYS B 35 -6.79 -34.12 -14.90
C LYS B 35 -7.94 -33.55 -15.74
N PRO B 36 -9.02 -34.30 -15.97
CA PRO B 36 -10.24 -33.85 -16.60
C PRO B 36 -10.86 -32.65 -15.90
N ALA B 37 -10.76 -32.62 -14.56
CA ALA B 37 -11.30 -31.49 -13.82
C ALA B 37 -10.51 -30.24 -14.15
N ILE B 38 -9.20 -30.40 -14.27
CA ILE B 38 -8.33 -29.31 -14.64
C ILE B 38 -8.60 -28.87 -16.07
N ARG B 39 -8.80 -29.85 -16.94
CA ARG B 39 -9.12 -29.56 -18.33
C ARG B 39 -10.37 -28.74 -18.45
N ARG B 40 -11.41 -29.09 -17.70
CA ARG B 40 -12.66 -28.39 -17.76
C ARG B 40 -12.50 -26.93 -17.30
N LEU B 41 -11.76 -26.77 -16.21
CA LEU B 41 -11.51 -25.45 -15.64
C LEU B 41 -10.66 -24.60 -16.58
N ALA B 42 -9.63 -25.20 -17.15
CA ALA B 42 -8.75 -24.49 -18.06
C ALA B 42 -9.50 -24.03 -19.30
N ARG B 43 -10.42 -24.87 -19.76
CA ARG B 43 -11.25 -24.55 -20.91
C ARG B 43 -12.20 -23.41 -20.61
N ARG B 44 -12.75 -23.39 -19.40
CA ARG B 44 -13.60 -22.27 -18.98
C ARG B 44 -12.81 -20.98 -19.01
N GLY B 45 -11.50 -21.07 -18.77
CA GLY B 45 -10.62 -19.90 -18.78
C GLY B 45 -10.06 -19.60 -20.16
N GLY B 46 -10.56 -20.32 -21.18
CA GLY B 46 -10.20 -20.05 -22.56
C GLY B 46 -8.90 -20.72 -23.02
N VAL B 47 -8.38 -21.64 -22.22
CA VAL B 47 -7.12 -22.30 -22.56
C VAL B 47 -7.33 -23.36 -23.63
N LYS B 48 -6.57 -23.26 -24.72
CA LYS B 48 -6.69 -24.18 -25.84
C LYS B 48 -5.78 -25.39 -25.72
N ARG B 49 -4.57 -25.19 -25.20
CA ARG B 49 -3.60 -26.27 -25.14
C ARG B 49 -2.83 -26.25 -23.81
N ILE B 50 -2.60 -27.43 -23.25
CA ILE B 50 -2.09 -27.55 -21.89
C ILE B 50 -0.86 -28.43 -21.81
N SER B 51 0.22 -27.93 -21.20
CA SER B 51 1.40 -28.76 -20.98
C SER B 51 1.17 -29.74 -19.83
N GLY B 52 1.97 -30.78 -19.77
CA GLY B 52 1.78 -31.85 -18.80
C GLY B 52 2.07 -31.42 -17.37
N LEU B 53 2.79 -30.31 -17.22
CA LEU B 53 3.22 -29.85 -15.91
C LEU B 53 2.16 -28.97 -15.24
N ILE B 54 1.14 -28.59 -15.99
CA ILE B 54 0.11 -27.70 -15.47
C ILE B 54 -0.68 -28.32 -14.34
N TYR B 55 -0.96 -29.61 -14.47
CA TYR B 55 -1.83 -30.28 -13.50
C TYR B 55 -1.23 -30.20 -12.11
N GLU B 56 0.07 -30.43 -12.01
CA GLU B 56 0.74 -30.42 -10.72
C GLU B 56 0.89 -29.00 -10.18
N GLU B 57 1.22 -28.07 -11.08
CA GLU B 57 1.36 -26.68 -10.69
C GLU B 57 0.03 -26.11 -10.19
N THR B 58 -1.04 -26.46 -10.91
CA THR B 58 -2.37 -25.97 -10.57
C THR B 58 -2.83 -26.52 -9.22
N ARG B 59 -2.58 -27.79 -8.98
CA ARG B 59 -2.98 -28.41 -7.72
C ARG B 59 -2.23 -27.78 -6.54
N GLY B 60 -0.95 -27.51 -6.74
CA GLY B 60 -0.16 -26.86 -5.70
C GLY B 60 -0.71 -25.49 -5.35
N VAL B 61 -1.00 -24.70 -6.38
CA VAL B 61 -1.53 -23.35 -6.18
C VAL B 61 -2.90 -23.38 -5.51
N LEU B 62 -3.77 -24.26 -5.99
CA LEU B 62 -5.12 -24.35 -5.44
C LEU B 62 -5.10 -24.71 -3.97
N LYS B 63 -4.23 -25.66 -3.60
CA LYS B 63 -4.16 -26.10 -2.22
C LYS B 63 -3.78 -24.94 -1.32
N VAL B 64 -2.80 -24.15 -1.76
CA VAL B 64 -2.37 -22.99 -0.98
C VAL B 64 -3.46 -21.94 -0.89
N PHE B 65 -4.11 -21.69 -2.02
CA PHE B 65 -5.20 -20.71 -2.06
C PHE B 65 -6.28 -21.05 -1.05
N LEU B 66 -6.71 -22.32 -1.07
CA LEU B 66 -7.77 -22.77 -0.20
C LEU B 66 -7.36 -22.76 1.27
N GLU B 67 -6.10 -23.11 1.54
CA GLU B 67 -5.61 -23.12 2.91
C GLU B 67 -5.72 -21.76 3.56
N ASN B 68 -5.39 -20.71 2.80
CA ASN B 68 -5.44 -19.37 3.35
C ASN B 68 -6.87 -18.95 3.66
N VAL B 69 -7.80 -19.31 2.78
CA VAL B 69 -9.18 -18.93 2.98
C VAL B 69 -9.77 -19.64 4.19
N ILE B 70 -9.49 -20.93 4.33
CA ILE B 70 -10.02 -21.71 5.44
C ILE B 70 -9.48 -21.23 6.77
N ARG B 71 -8.20 -20.91 6.82
CA ARG B 71 -7.59 -20.50 8.07
C ARG B 71 -8.33 -19.30 8.66
N ASP B 72 -8.69 -18.34 7.80
CA ASP B 72 -9.43 -17.18 8.27
C ASP B 72 -10.83 -17.56 8.73
N ALA B 73 -11.50 -18.44 7.98
CA ALA B 73 -12.85 -18.86 8.35
C ALA B 73 -12.86 -19.61 9.67
N VAL B 74 -11.85 -20.44 9.89
CA VAL B 74 -11.74 -21.20 11.13
C VAL B 74 -11.46 -20.28 12.30
N THR B 75 -10.61 -19.27 12.08
CA THR B 75 -10.29 -18.31 13.12
C THR B 75 -11.56 -17.61 13.61
N TYR B 76 -12.44 -17.25 12.68
CA TYR B 76 -13.71 -16.64 13.06
C TYR B 76 -14.53 -17.59 13.92
N THR B 77 -14.57 -18.85 13.53
CA THR B 77 -15.32 -19.87 14.25
C THR B 77 -14.76 -20.04 15.65
N GLU B 78 -13.43 -20.02 15.76
CA GLU B 78 -12.75 -20.20 17.03
C GLU B 78 -13.00 -19.03 17.98
N HIS B 79 -12.97 -17.81 17.43
CA HIS B 79 -13.19 -16.62 18.23
C HIS B 79 -14.57 -16.66 18.88
N ALA B 80 -15.55 -17.13 18.12
CA ALA B 80 -16.92 -17.23 18.62
C ALA B 80 -17.10 -18.45 19.51
N LYS B 81 -16.04 -19.25 19.64
CA LYS B 81 -16.05 -20.46 20.45
C LYS B 81 -17.05 -21.48 19.94
N ARG B 82 -17.25 -21.49 18.63
CA ARG B 82 -18.18 -22.42 18.01
C ARG B 82 -17.45 -23.67 17.52
N LYS B 83 -18.21 -24.74 17.29
CA LYS B 83 -17.66 -25.97 16.74
C LYS B 83 -17.96 -26.08 15.25
N THR B 84 -19.03 -25.41 14.83
CA THR B 84 -19.47 -25.49 13.44
C THR B 84 -19.08 -24.22 12.69
N VAL B 85 -18.44 -24.40 11.54
CA VAL B 85 -18.10 -23.30 10.66
C VAL B 85 -19.30 -22.91 9.81
N THR B 86 -19.63 -21.63 9.78
CA THR B 86 -20.79 -21.17 9.04
C THR B 86 -20.42 -20.40 7.79
N ALA B 87 -21.43 -20.13 6.96
CA ALA B 87 -21.21 -19.43 5.71
C ALA B 87 -20.63 -18.05 5.94
N MET B 88 -21.04 -17.40 7.03
CA MET B 88 -20.58 -16.05 7.31
C MET B 88 -19.10 -16.03 7.68
N ASP B 89 -18.61 -17.12 8.26
CA ASP B 89 -17.18 -17.22 8.55
C ASP B 89 -16.40 -17.20 7.25
N VAL B 90 -16.96 -17.89 6.25
CA VAL B 90 -16.38 -17.90 4.91
C VAL B 90 -16.52 -16.55 4.22
N VAL B 91 -17.70 -15.94 4.34
CA VAL B 91 -17.95 -14.65 3.71
C VAL B 91 -17.03 -13.58 4.28
N TYR B 92 -16.89 -13.57 5.59
CA TYR B 92 -16.00 -12.63 6.25
C TYR B 92 -14.56 -12.88 5.84
N ALA B 93 -14.17 -14.14 5.76
CA ALA B 93 -12.82 -14.49 5.36
C ALA B 93 -12.53 -14.02 3.94
N LEU B 94 -13.45 -14.28 3.03
CA LEU B 94 -13.26 -13.88 1.64
C LEU B 94 -13.27 -12.37 1.51
N LYS B 95 -14.19 -11.73 2.24
CA LYS B 95 -14.35 -10.28 2.17
C LYS B 95 -13.10 -9.56 2.64
N ARG B 96 -12.51 -10.02 3.75
CA ARG B 96 -11.33 -9.36 4.30
C ARG B 96 -10.13 -9.56 3.39
N GLN B 97 -10.17 -10.63 2.59
CA GLN B 97 -9.12 -10.91 1.64
C GLN B 97 -9.24 -10.08 0.37
N GLY B 98 -10.37 -9.38 0.22
CA GLY B 98 -10.58 -8.53 -0.95
C GLY B 98 -11.68 -9.06 -1.87
N ARG B 99 -12.06 -10.32 -1.67
CA ARG B 99 -13.03 -10.96 -2.56
C ARG B 99 -14.44 -10.93 -1.97
N THR B 100 -15.26 -10.01 -2.48
CA THR B 100 -16.64 -9.90 -2.03
C THR B 100 -17.53 -10.88 -2.78
N LEU B 101 -18.32 -11.66 -2.05
CA LEU B 101 -19.18 -12.67 -2.64
C LEU B 101 -20.65 -12.33 -2.48
N TYR B 102 -21.39 -12.36 -3.58
CA TYR B 102 -22.83 -12.10 -3.53
C TYR B 102 -23.62 -13.40 -3.63
N GLY B 103 -24.69 -13.49 -2.85
CA GLY B 103 -25.65 -14.58 -2.97
C GLY B 103 -25.65 -15.47 -1.73
N PHE B 104 -24.55 -15.44 -0.97
CA PHE B 104 -24.42 -16.22 0.26
C PHE B 104 -24.54 -15.35 1.50
N GLY B 105 -25.01 -14.13 1.31
CA GLY B 105 -25.06 -13.15 2.40
C GLY B 105 -23.90 -12.17 2.31
N SER C 22 0.80 2.84 32.39
CA SER C 22 2.06 2.45 31.77
C SER C 22 3.07 1.95 32.81
N SER C 23 3.19 2.67 33.94
CA SER C 23 4.17 2.36 34.97
C SER C 23 3.96 0.97 35.56
N ARG C 24 2.71 0.64 35.85
CA ARG C 24 2.38 -0.67 36.41
C ARG C 24 2.41 -1.75 35.33
N ALA C 25 2.06 -1.36 34.11
CA ALA C 25 2.08 -2.28 32.98
C ALA C 25 3.51 -2.60 32.57
N GLY C 26 4.45 -1.73 32.92
CA GLY C 26 5.86 -1.92 32.57
C GLY C 26 6.18 -1.42 31.18
N LEU C 27 5.29 -0.61 30.62
CA LEU C 27 5.44 -0.15 29.24
C LEU C 27 6.11 1.22 29.17
N GLN C 28 6.83 1.47 28.08
CA GLN C 28 7.31 2.81 27.80
C GLN C 28 6.19 3.64 27.21
N PHE C 29 5.37 2.99 26.40
CA PHE C 29 4.27 3.64 25.70
C PHE C 29 3.13 3.94 26.66
N PRO C 30 2.37 5.00 26.40
CA PRO C 30 1.22 5.47 27.15
C PRO C 30 0.05 4.51 27.00
N VAL C 31 -0.82 4.50 28.00
CA VAL C 31 -2.04 3.70 27.95
C VAL C 31 -3.27 4.59 27.90
N GLY C 32 -3.25 5.68 28.67
CA GLY C 32 -4.41 6.55 28.79
C GLY C 32 -4.84 7.12 27.44
N ARG C 33 -3.88 7.50 26.61
CA ARG C 33 -4.20 8.04 25.30
C ARG C 33 -4.70 6.93 24.39
N VAL C 34 -4.21 5.71 24.60
CA VAL C 34 -4.66 4.56 23.83
C VAL C 34 -6.11 4.27 24.17
N HIS C 35 -6.43 4.35 25.45
CA HIS C 35 -7.80 4.16 25.91
C HIS C 35 -8.71 5.20 25.27
N ARG C 36 -8.25 6.45 25.27
CA ARG C 36 -8.99 7.54 24.64
C ARG C 36 -9.25 7.25 23.17
N LEU C 37 -8.22 6.76 22.48
CA LEU C 37 -8.33 6.52 21.04
C LEU C 37 -9.20 5.32 20.72
N LEU C 38 -9.33 4.37 21.66
CA LEU C 38 -10.17 3.21 21.43
C LEU C 38 -11.65 3.53 21.61
N ARG C 39 -11.97 4.32 22.63
CA ARG C 39 -13.36 4.73 22.83
C ARG C 39 -13.78 5.81 21.84
N LYS C 40 -12.82 6.63 21.41
CA LYS C 40 -13.04 7.65 20.40
C LYS C 40 -13.08 7.01 19.01
N GLY C 41 -13.77 7.66 18.08
CA GLY C 41 -13.84 7.16 16.71
C GLY C 41 -14.90 6.10 16.51
N ASN C 42 -15.81 5.98 17.48
CA ASN C 42 -16.96 5.10 17.37
C ASN C 42 -16.59 3.65 17.05
N TYR C 43 -15.56 3.13 17.71
CA TYR C 43 -15.20 1.73 17.50
C TYR C 43 -16.10 0.81 18.33
N SER C 44 -16.50 1.28 19.50
CA SER C 44 -17.36 0.51 20.39
C SER C 44 -18.10 1.42 21.36
N GLU C 45 -19.11 0.87 22.01
CA GLU C 45 -19.82 1.61 23.05
C GLU C 45 -19.05 1.57 24.36
N ARG C 46 -18.30 0.49 24.55
CA ARG C 46 -17.56 0.27 25.80
C ARG C 46 -16.18 -0.30 25.51
N VAL C 47 -15.22 -0.01 26.38
CA VAL C 47 -13.88 -0.58 26.25
C VAL C 47 -13.42 -1.16 27.58
N GLY C 48 -12.81 -2.34 27.55
CA GLY C 48 -12.35 -3.00 28.75
C GLY C 48 -10.97 -2.50 29.17
N ALA C 49 -10.66 -2.64 30.45
CA ALA C 49 -9.40 -2.12 31.00
C ALA C 49 -8.19 -2.75 30.33
N GLY C 50 -8.32 -4.01 29.97
CA GLY C 50 -7.21 -4.76 29.38
C GLY C 50 -6.92 -4.33 27.94
N ALA C 51 -7.92 -3.81 27.24
CA ALA C 51 -7.75 -3.57 25.81
C ALA C 51 -6.69 -2.51 25.51
N PRO C 52 -6.72 -1.32 26.16
CA PRO C 52 -5.74 -0.25 26.02
C PRO C 52 -4.34 -0.73 26.35
N VAL C 53 -4.26 -1.58 27.37
CA VAL C 53 -2.98 -2.10 27.84
C VAL C 53 -2.42 -3.12 26.86
N TYR C 54 -3.27 -4.03 26.41
CA TYR C 54 -2.86 -5.08 25.49
C TYR C 54 -2.28 -4.43 24.24
N LEU C 55 -3.01 -3.45 23.71
CA LEU C 55 -2.63 -2.78 22.48
C LEU C 55 -1.36 -1.96 22.65
N ALA C 56 -1.23 -1.27 23.78
CA ALA C 56 -0.04 -0.46 24.01
C ALA C 56 1.21 -1.33 24.00
N ALA C 57 1.10 -2.53 24.58
CA ALA C 57 2.20 -3.49 24.57
C ALA C 57 2.54 -3.94 23.16
N VAL C 58 1.51 -4.14 22.34
CA VAL C 58 1.70 -4.57 20.96
C VAL C 58 2.38 -3.49 20.15
N LEU C 59 1.94 -2.25 20.31
CA LEU C 59 2.50 -1.14 19.55
C LEU C 59 3.95 -0.94 19.91
N GLU C 60 4.27 -1.05 21.20
CA GLU C 60 5.65 -0.91 21.65
C GLU C 60 6.52 -2.02 21.10
N TYR C 61 5.99 -3.24 21.10
CA TYR C 61 6.73 -4.40 20.60
C TYR C 61 7.11 -4.23 19.15
N LEU C 62 6.14 -3.88 18.32
CA LEU C 62 6.37 -3.76 16.90
C LEU C 62 7.34 -2.62 16.61
N THR C 63 7.20 -1.53 17.37
CA THR C 63 8.08 -0.39 17.23
C THR C 63 9.52 -0.78 17.54
N ALA C 64 9.70 -1.54 18.61
CA ALA C 64 11.04 -1.97 19.03
C ALA C 64 11.71 -2.82 17.96
N GLU C 65 10.94 -3.70 17.33
CA GLU C 65 11.49 -4.60 16.32
C GLU C 65 12.00 -3.82 15.12
N ILE C 66 11.23 -2.82 14.70
CA ILE C 66 11.64 -2.00 13.56
C ILE C 66 12.86 -1.17 13.90
N LEU C 67 12.88 -0.60 15.09
CA LEU C 67 14.00 0.24 15.51
C LEU C 67 15.26 -0.59 15.60
N GLU C 68 15.14 -1.83 16.04
CA GLU C 68 16.30 -2.69 16.15
C GLU C 68 16.91 -2.94 14.77
N LEU C 69 16.06 -3.25 13.80
CA LEU C 69 16.53 -3.53 12.45
C LEU C 69 17.07 -2.27 11.78
N ALA C 70 16.39 -1.15 11.99
CA ALA C 70 16.80 0.11 11.39
C ALA C 70 18.15 0.57 11.93
N GLY C 71 18.36 0.36 13.22
CA GLY C 71 19.64 0.69 13.84
C GLY C 71 20.75 -0.15 13.26
N ASN C 72 20.45 -1.41 12.92
CA ASN C 72 21.43 -2.28 12.33
C ASN C 72 21.82 -1.78 10.95
N ALA C 73 20.82 -1.33 10.19
CA ALA C 73 21.07 -0.79 8.86
C ALA C 73 21.95 0.45 8.95
N ALA C 74 21.75 1.24 10.00
CA ALA C 74 22.58 2.42 10.22
C ALA C 74 24.02 2.03 10.51
N ARG C 75 24.19 1.01 11.34
CA ARG C 75 25.53 0.57 11.73
C ARG C 75 26.30 -0.01 10.56
N ASP C 76 25.60 -0.69 9.66
CA ASP C 76 26.21 -1.31 8.50
C ASP C 76 26.85 -0.27 7.59
N ASN C 77 26.36 0.96 7.68
CA ASN C 77 26.85 2.04 6.85
C ASN C 77 27.63 3.07 7.68
N LYS C 78 28.06 2.64 8.86
CA LYS C 78 28.85 3.46 9.78
C LYS C 78 28.10 4.68 10.29
N LYS C 79 26.78 4.61 10.28
CA LYS C 79 25.97 5.72 10.77
C LYS C 79 25.58 5.49 12.23
N THR C 80 25.46 6.58 12.97
CA THR C 80 24.99 6.52 14.35
C THR C 80 23.59 7.10 14.47
N ARG C 81 23.00 7.41 13.31
CA ARG C 81 21.71 8.09 13.25
C ARG C 81 20.83 7.46 12.18
N ILE C 82 19.57 7.19 12.54
CA ILE C 82 18.65 6.53 11.62
C ILE C 82 18.00 7.50 10.64
N ILE C 83 18.00 7.12 9.37
CA ILE C 83 17.36 7.91 8.32
C ILE C 83 16.40 7.02 7.52
N PRO C 84 15.48 7.59 6.73
CA PRO C 84 14.47 6.91 5.95
C PRO C 84 15.05 5.80 5.08
N ARG C 85 16.27 5.97 4.60
CA ARG C 85 16.91 4.95 3.79
C ARG C 85 17.12 3.68 4.61
N HIS C 86 17.47 3.84 5.89
CA HIS C 86 17.71 2.71 6.76
C HIS C 86 16.40 1.98 7.05
N LEU C 87 15.34 2.76 7.21
CA LEU C 87 14.03 2.19 7.48
C LEU C 87 13.55 1.36 6.29
N GLN C 88 13.79 1.86 5.09
CA GLN C 88 13.42 1.14 3.88
C GLN C 88 14.17 -0.19 3.79
N LEU C 89 15.48 -0.14 4.04
CA LEU C 89 16.29 -1.34 3.93
C LEU C 89 15.89 -2.37 4.98
N ALA C 90 15.65 -1.90 6.20
CA ALA C 90 15.28 -2.78 7.30
C ALA C 90 13.98 -3.53 7.03
N ILE C 91 13.02 -2.84 6.42
CA ILE C 91 11.71 -3.42 6.15
C ILE C 91 11.73 -4.41 5.00
N ARG C 92 12.36 -4.03 3.89
CA ARG C 92 12.28 -4.86 2.70
C ARG C 92 13.11 -6.13 2.84
N ASN C 93 14.09 -6.10 3.75
CA ASN C 93 14.91 -7.27 4.02
C ASN C 93 14.20 -8.26 4.94
N ASP C 94 13.08 -7.85 5.51
CA ASP C 94 12.31 -8.69 6.42
C ASP C 94 10.96 -9.02 5.81
N GLU C 95 10.74 -10.29 5.46
CA GLU C 95 9.56 -10.64 4.68
C GLU C 95 8.26 -10.42 5.44
N GLU C 96 8.29 -10.58 6.76
CA GLU C 96 7.07 -10.37 7.54
C GLU C 96 6.69 -8.90 7.59
N LEU C 97 7.68 -8.03 7.75
CA LEU C 97 7.43 -6.59 7.72
C LEU C 97 7.11 -6.10 6.33
N ASN C 98 7.79 -6.68 5.33
CA ASN C 98 7.58 -6.27 3.95
C ASN C 98 6.16 -6.56 3.51
N LYS C 99 5.63 -7.71 3.92
CA LYS C 99 4.24 -8.04 3.64
C LYS C 99 3.29 -7.12 4.40
N LEU C 100 3.61 -6.89 5.67
CA LEU C 100 2.78 -6.06 6.53
C LEU C 100 2.72 -4.63 6.01
N LEU C 101 3.82 -4.17 5.42
CA LEU C 101 3.92 -2.80 4.93
C LEU C 101 4.11 -2.78 3.41
N GLY C 102 3.58 -3.80 2.73
CA GLY C 102 3.77 -3.96 1.30
C GLY C 102 3.22 -2.79 0.49
N ARG C 103 2.16 -2.17 0.99
CA ARG C 103 1.50 -1.08 0.27
C ARG C 103 1.97 0.28 0.74
N VAL C 104 3.01 0.30 1.56
CA VAL C 104 3.53 1.54 2.12
C VAL C 104 4.72 2.08 1.34
N THR C 105 4.64 3.35 0.96
CA THR C 105 5.75 4.04 0.34
C THR C 105 6.47 4.89 1.38
N ILE C 106 7.79 4.81 1.39
CA ILE C 106 8.59 5.55 2.35
C ILE C 106 9.38 6.66 1.69
N ALA C 107 9.18 7.89 2.18
CA ALA C 107 9.87 9.04 1.62
C ALA C 107 11.37 8.87 1.72
N GLN C 108 12.07 9.13 0.61
CA GLN C 108 13.52 9.04 0.57
C GLN C 108 14.03 7.67 1.00
N GLY C 109 13.19 6.65 0.85
CA GLY C 109 13.57 5.31 1.24
C GLY C 109 14.52 4.68 0.24
N GLY C 110 14.41 5.09 -1.02
CA GLY C 110 15.22 4.52 -2.09
C GLY C 110 14.70 3.15 -2.51
N VAL C 111 15.51 2.44 -3.29
CA VAL C 111 15.16 1.11 -3.78
C VAL C 111 16.29 0.13 -3.52
N LEU C 112 16.00 -1.16 -3.58
CA LEU C 112 17.04 -2.17 -3.47
C LEU C 112 17.79 -2.29 -4.79
N PRO C 113 19.09 -2.56 -4.75
CA PRO C 113 20.00 -2.70 -5.89
C PRO C 113 19.87 -4.06 -6.54
N ASN C 114 18.73 -4.32 -7.15
CA ASN C 114 18.45 -5.62 -7.75
C ASN C 114 18.60 -5.60 -9.27
N ILE C 115 19.48 -6.45 -9.77
CA ILE C 115 19.69 -6.58 -11.21
C ILE C 115 19.53 -8.04 -11.65
N GLN C 116 18.77 -8.25 -12.71
CA GLN C 116 18.52 -9.60 -13.22
C GLN C 116 19.78 -10.21 -13.80
N ALA C 117 20.02 -11.49 -13.50
CA ALA C 117 21.22 -12.18 -13.93
C ALA C 117 21.36 -12.23 -15.44
N VAL C 118 20.23 -12.30 -16.14
CA VAL C 118 20.22 -12.40 -17.59
C VAL C 118 20.79 -11.16 -18.26
N LEU C 119 20.78 -10.04 -17.53
CA LEU C 119 21.26 -8.78 -18.07
C LEU C 119 22.77 -8.64 -17.93
N LEU C 120 23.39 -9.54 -17.18
CA LEU C 120 24.82 -9.48 -16.94
C LEU C 120 25.58 -10.20 -18.07
N PRO C 121 26.83 -9.81 -18.37
CA PRO C 121 27.70 -10.39 -19.39
C PRO C 121 28.34 -11.69 -18.90
N GLU D 39 0.28 15.94 18.68
CA GLU D 39 0.74 14.82 19.50
C GLU D 39 1.68 13.93 18.71
N SER D 40 2.55 13.22 19.41
CA SER D 40 3.48 12.32 18.76
C SER D 40 3.98 11.24 19.72
N TYR D 41 4.64 10.24 19.16
CA TYR D 41 5.21 9.15 19.92
C TYR D 41 6.72 9.29 20.04
N SER D 42 7.24 10.44 19.63
CA SER D 42 8.68 10.62 19.50
C SER D 42 9.41 10.36 20.81
N ILE D 43 8.76 10.68 21.92
CA ILE D 43 9.35 10.44 23.22
C ILE D 43 9.52 8.95 23.46
N TYR D 44 8.47 8.20 23.16
CA TYR D 44 8.44 6.78 23.45
C TYR D 44 9.29 6.01 22.47
N VAL D 45 9.29 6.45 21.21
CA VAL D 45 10.11 5.84 20.19
C VAL D 45 11.58 6.00 20.53
N TYR D 46 11.95 7.20 20.98
CA TYR D 46 13.32 7.48 21.37
C TYR D 46 13.74 6.65 22.57
N LYS D 47 12.86 6.57 23.57
CA LYS D 47 13.17 5.77 24.75
C LYS D 47 13.39 4.30 24.40
N VAL D 48 12.55 3.78 23.52
CA VAL D 48 12.70 2.41 23.07
C VAL D 48 13.98 2.24 22.27
N LEU D 49 14.28 3.23 21.42
CA LEU D 49 15.50 3.19 20.62
C LEU D 49 16.72 3.17 21.53
N LYS D 50 16.69 3.98 22.59
CA LYS D 50 17.78 4.01 23.54
C LYS D 50 17.93 2.67 24.26
N GLN D 51 16.80 2.05 24.59
CA GLN D 51 16.85 0.75 25.26
C GLN D 51 17.47 -0.32 24.36
N VAL D 52 17.14 -0.26 23.07
CA VAL D 52 17.68 -1.20 22.10
C VAL D 52 19.06 -0.79 21.61
N HIS D 53 19.17 0.47 21.21
CA HIS D 53 20.40 1.04 20.69
C HIS D 53 20.77 2.34 21.42
N PRO D 54 21.46 2.23 22.57
CA PRO D 54 21.78 3.32 23.48
C PRO D 54 22.65 4.40 22.82
N ASP D 55 23.37 4.03 21.77
CA ASP D 55 24.30 4.94 21.10
C ASP D 55 23.77 5.46 19.77
N THR D 56 22.51 5.15 19.45
CA THR D 56 21.97 5.52 18.14
C THR D 56 20.92 6.62 18.24
N GLY D 57 21.06 7.63 17.40
CA GLY D 57 20.07 8.70 17.30
C GLY D 57 19.13 8.44 16.14
N ILE D 58 18.19 9.36 15.94
CA ILE D 58 17.20 9.22 14.88
C ILE D 58 16.92 10.56 14.21
N SER D 59 16.81 10.55 12.89
CA SER D 59 16.47 11.75 12.14
C SER D 59 15.00 12.12 12.33
N SER D 60 14.69 13.38 12.05
CA SER D 60 13.31 13.85 12.13
C SER D 60 12.44 13.19 11.08
N LYS D 61 13.02 12.92 9.92
CA LYS D 61 12.27 12.27 8.84
C LYS D 61 11.97 10.83 9.22
N ALA D 62 12.95 10.15 9.81
CA ALA D 62 12.76 8.79 10.27
C ALA D 62 11.71 8.74 11.38
N MET D 63 11.71 9.75 12.23
CA MET D 63 10.73 9.80 13.31
C MET D 63 9.32 10.00 12.79
N GLY D 64 9.17 10.86 11.78
CA GLY D 64 7.87 11.08 11.16
C GLY D 64 7.34 9.78 10.57
N ILE D 65 8.23 9.00 9.98
CA ILE D 65 7.88 7.71 9.42
C ILE D 65 7.42 6.74 10.50
N MET D 66 8.12 6.73 11.64
CA MET D 66 7.75 5.86 12.75
C MET D 66 6.40 6.24 13.34
N ASN D 67 6.10 7.54 13.37
CA ASN D 67 4.80 7.98 13.87
C ASN D 67 3.68 7.54 12.95
N SER D 68 3.91 7.63 11.65
CA SER D 68 2.92 7.16 10.68
C SER D 68 2.71 5.66 10.81
N PHE D 69 3.80 4.94 11.06
CA PHE D 69 3.71 3.50 11.26
C PHE D 69 2.80 3.16 12.43
N VAL D 70 3.02 3.81 13.56
CA VAL D 70 2.24 3.54 14.76
C VAL D 70 0.76 3.84 14.53
N ASN D 71 0.49 4.97 13.87
CA ASN D 71 -0.88 5.36 13.59
C ASN D 71 -1.56 4.33 12.70
N ASP D 72 -0.81 3.81 11.73
CA ASP D 72 -1.32 2.82 10.80
C ASP D 72 -1.70 1.54 11.51
N ILE D 73 -0.83 1.09 12.41
CA ILE D 73 -1.10 -0.14 13.16
C ILE D 73 -2.32 0.03 14.04
N PHE D 74 -2.44 1.18 14.69
CA PHE D 74 -3.59 1.43 15.54
C PHE D 74 -4.88 1.30 14.77
N GLU D 75 -4.95 1.95 13.62
CA GLU D 75 -6.18 1.92 12.83
C GLU D 75 -6.53 0.51 12.40
N ARG D 76 -5.52 -0.26 12.03
CA ARG D 76 -5.76 -1.63 11.58
C ARG D 76 -6.38 -2.47 12.69
N ILE D 77 -5.79 -2.41 13.87
CA ILE D 77 -6.25 -3.23 14.98
C ILE D 77 -7.59 -2.75 15.52
N ALA D 78 -7.71 -1.44 15.71
CA ALA D 78 -8.94 -0.87 16.25
C ALA D 78 -10.11 -1.14 15.32
N GLY D 79 -9.84 -1.07 14.01
CA GLY D 79 -10.86 -1.35 13.01
C GLY D 79 -11.29 -2.80 13.06
N GLU D 80 -10.32 -3.71 13.12
CA GLU D 80 -10.63 -5.13 13.14
C GLU D 80 -11.31 -5.55 14.42
N ALA D 81 -10.87 -4.99 15.55
CA ALA D 81 -11.47 -5.31 16.83
C ALA D 81 -12.93 -4.88 16.85
N SER D 82 -13.22 -3.73 16.24
CA SER D 82 -14.59 -3.25 16.12
C SER D 82 -15.41 -4.19 15.24
N ARG D 83 -14.82 -4.62 14.13
CA ARG D 83 -15.51 -5.52 13.21
C ARG D 83 -15.79 -6.87 13.87
N LEU D 84 -14.84 -7.35 14.67
CA LEU D 84 -15.04 -8.59 15.38
C LEU D 84 -16.19 -8.46 16.37
N ALA D 85 -16.24 -7.33 17.07
CA ALA D 85 -17.33 -7.08 18.00
C ALA D 85 -18.65 -7.00 17.25
N HIS D 86 -18.63 -6.40 16.07
CA HIS D 86 -19.84 -6.30 15.26
C HIS D 86 -20.32 -7.67 14.81
N TYR D 87 -19.38 -8.48 14.31
CA TYR D 87 -19.70 -9.80 13.81
C TYR D 87 -20.29 -10.66 14.90
N ASN D 88 -19.78 -10.50 16.12
CA ASN D 88 -20.20 -11.30 17.25
C ASN D 88 -21.23 -10.59 18.12
N LYS D 89 -21.80 -9.51 17.60
CA LYS D 89 -22.87 -8.81 18.30
C LYS D 89 -22.47 -8.39 19.71
N ARG D 90 -21.29 -7.80 19.82
CA ARG D 90 -20.78 -7.31 21.10
C ARG D 90 -20.65 -5.79 21.07
N SER D 91 -20.91 -5.16 22.20
CA SER D 91 -20.87 -3.70 22.30
C SER D 91 -19.53 -3.20 22.84
N THR D 92 -18.69 -4.13 23.27
CA THR D 92 -17.45 -3.76 23.95
C THR D 92 -16.21 -4.37 23.30
N ILE D 93 -15.07 -3.79 23.62
CA ILE D 93 -13.77 -4.32 23.22
C ILE D 93 -12.98 -4.80 24.42
N THR D 94 -12.50 -6.03 24.35
CA THR D 94 -11.66 -6.58 25.41
C THR D 94 -10.35 -7.08 24.80
N SER D 95 -9.47 -7.61 25.64
CA SER D 95 -8.20 -8.12 25.16
C SER D 95 -8.38 -9.26 24.18
N ARG D 96 -9.55 -9.92 24.22
CA ARG D 96 -9.82 -11.00 23.27
C ARG D 96 -9.96 -10.48 21.86
N GLU D 97 -10.69 -9.38 21.69
CA GLU D 97 -10.87 -8.78 20.38
C GLU D 97 -9.55 -8.24 19.86
N ILE D 98 -8.76 -7.65 20.76
CA ILE D 98 -7.47 -7.13 20.36
C ILE D 98 -6.54 -8.28 19.96
N GLN D 99 -6.56 -9.36 20.75
CA GLN D 99 -5.73 -10.51 20.45
C GLN D 99 -6.06 -11.15 19.12
N THR D 100 -7.36 -11.33 18.86
CA THR D 100 -7.78 -11.93 17.60
C THR D 100 -7.43 -11.02 16.43
N ALA D 101 -7.61 -9.71 16.61
CA ALA D 101 -7.27 -8.76 15.57
C ALA D 101 -5.78 -8.81 15.26
N VAL D 102 -4.97 -8.96 16.30
CA VAL D 102 -3.52 -9.08 16.15
C VAL D 102 -3.15 -10.34 15.39
N ARG D 103 -3.79 -11.45 15.75
CA ARG D 103 -3.52 -12.73 15.10
C ARG D 103 -3.89 -12.69 13.62
N LEU D 104 -5.02 -12.06 13.31
CA LEU D 104 -5.47 -11.96 11.92
C LEU D 104 -4.58 -11.03 11.09
N LEU D 105 -4.16 -9.93 11.68
CA LEU D 105 -3.43 -8.90 10.94
C LEU D 105 -1.96 -9.25 10.73
N LEU D 106 -1.30 -9.70 11.79
CA LEU D 106 0.14 -9.98 11.73
C LEU D 106 0.42 -11.35 11.12
N PRO D 107 1.60 -11.50 10.50
CA PRO D 107 2.16 -12.74 9.99
C PRO D 107 2.61 -13.62 11.14
N GLY D 108 2.97 -14.86 10.83
CA GLY D 108 3.16 -15.90 11.83
C GLY D 108 3.96 -15.46 13.06
N GLU D 109 5.23 -15.12 12.86
CA GLU D 109 6.09 -14.87 14.01
C GLU D 109 5.70 -13.61 14.76
N LEU D 110 5.41 -12.53 14.02
CA LEU D 110 5.01 -11.30 14.66
C LEU D 110 3.72 -11.48 15.47
N ALA D 111 2.78 -12.24 14.91
CA ALA D 111 1.51 -12.46 15.58
C ALA D 111 1.71 -13.15 16.93
N LYS D 112 2.57 -14.16 16.96
CA LYS D 112 2.79 -14.90 18.19
C LYS D 112 3.41 -14.02 19.27
N HIS D 113 4.41 -13.24 18.89
CA HIS D 113 5.16 -12.46 19.85
C HIS D 113 4.37 -11.26 20.33
N ALA D 114 3.62 -10.63 19.42
CA ALA D 114 2.79 -9.49 19.78
C ALA D 114 1.70 -9.90 20.77
N VAL D 115 1.12 -11.08 20.57
CA VAL D 115 0.10 -11.58 21.46
C VAL D 115 0.67 -11.84 22.85
N SER D 116 1.87 -12.41 22.90
CA SER D 116 2.52 -12.68 24.17
C SER D 116 2.71 -11.39 24.95
N GLU D 117 3.18 -10.34 24.28
CA GLU D 117 3.43 -9.05 24.92
C GLU D 117 2.14 -8.43 25.45
N GLY D 118 1.07 -8.51 24.65
CA GLY D 118 -0.21 -7.98 25.06
C GLY D 118 -0.76 -8.72 26.26
N THR D 119 -0.64 -10.05 26.24
CA THR D 119 -1.18 -10.89 27.29
C THR D 119 -0.52 -10.60 28.64
N LYS D 120 0.80 -10.48 28.63
CA LYS D 120 1.53 -10.22 29.86
C LYS D 120 1.23 -8.84 30.40
N ALA D 121 1.15 -7.86 29.51
CA ALA D 121 0.92 -6.48 29.93
C ALA D 121 -0.42 -6.35 30.63
N VAL D 122 -1.43 -7.05 30.11
CA VAL D 122 -2.76 -7.01 30.72
C VAL D 122 -2.75 -7.73 32.06
N THR D 123 -2.11 -8.89 32.10
CA THR D 123 -2.04 -9.67 33.33
C THR D 123 -1.29 -8.90 34.40
N LYS D 124 -0.19 -8.30 34.00
CA LYS D 124 0.66 -7.54 34.90
C LYS D 124 -0.01 -6.25 35.37
N TYR D 125 -0.63 -5.53 34.44
CA TYR D 125 -1.36 -4.32 34.79
C TYR D 125 -2.54 -4.63 35.68
N THR D 126 -3.27 -5.69 35.34
CA THR D 126 -4.45 -6.09 36.11
C THR D 126 -4.05 -6.48 37.52
N SER D 127 -2.93 -7.19 37.64
CA SER D 127 -2.39 -7.58 38.93
C SER D 127 -1.90 -6.36 39.73
N ALA D 128 -1.47 -5.31 39.01
CA ALA D 128 -1.02 -4.05 39.59
C ALA D 128 -1.88 -2.90 39.11
N THR E 49 27.06 -2.05 -21.44
CA THR E 49 28.07 -1.81 -20.42
C THR E 49 27.71 -0.64 -19.52
N VAL E 50 27.31 0.46 -20.14
CA VAL E 50 26.95 1.66 -19.40
C VAL E 50 25.64 1.46 -18.68
N ALA E 51 24.71 0.77 -19.34
CA ALA E 51 23.37 0.59 -18.80
C ALA E 51 23.41 -0.10 -17.45
N LEU E 52 24.27 -1.10 -17.30
CA LEU E 52 24.38 -1.79 -16.01
C LEU E 52 24.93 -0.84 -14.95
N ARG E 53 25.91 -0.03 -15.33
CA ARG E 53 26.47 0.96 -14.41
C ARG E 53 25.41 1.96 -13.98
N GLU E 54 24.59 2.41 -14.94
CA GLU E 54 23.53 3.37 -14.66
C GLU E 54 22.47 2.78 -13.74
N ILE E 55 22.14 1.51 -13.95
CA ILE E 55 21.15 0.85 -13.10
C ILE E 55 21.65 0.83 -11.66
N ARG E 56 22.91 0.46 -11.49
CA ARG E 56 23.50 0.40 -10.16
C ARG E 56 23.52 1.78 -9.50
N ARG E 57 23.91 2.79 -10.29
CA ARG E 57 24.03 4.15 -9.78
C ARG E 57 22.69 4.70 -9.31
N TYR E 58 21.65 4.51 -10.12
CA TYR E 58 20.35 5.08 -9.82
C TYR E 58 19.66 4.33 -8.71
N GLN E 59 19.88 3.02 -8.65
CA GLN E 59 19.32 2.23 -7.56
C GLN E 59 19.98 2.53 -6.23
N LYS E 60 21.26 2.90 -6.27
CA LYS E 60 22.01 3.22 -5.06
C LYS E 60 21.52 4.52 -4.41
N SER E 61 21.25 5.53 -5.23
CA SER E 61 20.89 6.84 -4.72
C SER E 61 19.40 6.95 -4.40
N THR E 62 19.01 8.05 -3.75
CA THR E 62 17.63 8.23 -3.30
C THR E 62 16.93 9.45 -3.89
N GLU E 63 17.68 10.31 -4.58
CA GLU E 63 17.11 11.55 -5.10
C GLU E 63 16.19 11.29 -6.29
N LEU E 64 15.36 12.27 -6.61
CA LEU E 64 14.44 12.17 -7.75
C LEU E 64 15.21 12.26 -9.06
N LEU E 65 14.73 11.52 -10.06
CA LEU E 65 15.36 11.49 -11.37
C LEU E 65 14.62 12.39 -12.35
N ILE E 66 13.42 12.82 -11.94
CA ILE E 66 12.62 13.76 -12.72
C ILE E 66 12.97 15.20 -12.36
N ARG E 67 12.58 16.13 -13.22
CA ARG E 67 12.82 17.54 -12.93
C ARG E 67 11.65 18.14 -12.17
N LYS E 68 11.96 18.90 -11.13
CA LYS E 68 10.96 19.37 -10.19
C LYS E 68 10.07 20.48 -10.76
N LEU E 69 10.69 21.42 -11.45
CA LEU E 69 9.97 22.59 -11.94
C LEU E 69 8.84 22.27 -12.94
N PRO E 70 9.09 21.46 -13.98
CA PRO E 70 8.08 21.00 -14.92
C PRO E 70 7.08 20.11 -14.25
N PHE E 71 7.50 19.41 -13.19
CA PHE E 71 6.57 18.60 -12.42
C PHE E 71 5.55 19.50 -11.74
N GLN E 72 6.03 20.58 -11.13
CA GLN E 72 5.16 21.51 -10.43
C GLN E 72 4.18 22.15 -11.39
N ARG E 73 4.67 22.49 -12.58
CA ARG E 73 3.83 23.08 -13.60
C ARG E 73 2.82 22.07 -14.13
N LEU E 74 3.26 20.82 -14.26
CA LEU E 74 2.40 19.74 -14.73
C LEU E 74 1.27 19.48 -13.76
N VAL E 75 1.56 19.55 -12.47
CA VAL E 75 0.52 19.36 -11.46
C VAL E 75 -0.57 20.38 -11.63
N ARG E 76 -0.19 21.64 -11.85
CA ARG E 76 -1.16 22.68 -12.11
C ARG E 76 -1.84 22.50 -13.46
N GLU E 77 -1.09 22.03 -14.45
CA GLU E 77 -1.65 21.80 -15.77
C GLU E 77 -2.81 20.83 -15.70
N ILE E 78 -2.63 19.75 -14.93
CA ILE E 78 -3.67 18.76 -14.74
C ILE E 78 -4.75 19.25 -13.79
N ALA E 79 -4.33 19.82 -12.66
CA ALA E 79 -5.26 20.20 -11.61
C ALA E 79 -6.25 21.25 -12.11
N GLN E 80 -5.80 22.09 -13.03
CA GLN E 80 -6.62 23.16 -13.59
C GLN E 80 -7.80 22.62 -14.40
N ASP E 81 -7.69 21.36 -14.84
CA ASP E 81 -8.77 20.74 -15.58
C ASP E 81 -9.93 20.40 -14.66
N PHE E 82 -9.64 20.24 -13.37
CA PHE E 82 -10.66 19.93 -12.39
C PHE E 82 -11.19 21.21 -11.77
N LYS E 83 -10.29 22.10 -11.38
CA LYS E 83 -10.65 23.38 -10.81
C LYS E 83 -9.57 24.42 -11.09
N THR E 84 -10.00 25.63 -11.44
CA THR E 84 -9.06 26.70 -11.76
C THR E 84 -8.64 27.49 -10.53
N ASP E 85 -7.57 28.26 -10.67
CA ASP E 85 -7.11 29.18 -9.63
C ASP E 85 -6.80 28.49 -8.32
N LEU E 86 -6.29 27.26 -8.40
CA LEU E 86 -5.92 26.49 -7.23
C LEU E 86 -4.61 26.95 -6.62
N ARG E 87 -4.47 26.74 -5.32
CA ARG E 87 -3.23 26.98 -4.61
C ARG E 87 -2.71 25.66 -4.07
N PHE E 88 -1.39 25.50 -4.04
CA PHE E 88 -0.81 24.23 -3.61
C PHE E 88 0.30 24.40 -2.59
N GLN E 89 0.36 23.49 -1.64
CA GLN E 89 1.49 23.40 -0.73
C GLN E 89 2.61 22.61 -1.38
N SER E 90 3.85 23.03 -1.15
CA SER E 90 5.01 22.37 -1.75
C SER E 90 5.14 20.93 -1.25
N SER E 91 4.70 20.68 -0.03
CA SER E 91 4.75 19.34 0.53
C SER E 91 3.81 18.40 -0.22
N ALA E 92 2.70 18.93 -0.71
CA ALA E 92 1.78 18.12 -1.50
C ALA E 92 2.42 17.69 -2.81
N VAL E 93 3.17 18.61 -3.42
CA VAL E 93 3.83 18.31 -4.67
C VAL E 93 4.94 17.29 -4.47
N MET E 94 5.71 17.46 -3.40
CA MET E 94 6.80 16.54 -3.10
C MET E 94 6.27 15.15 -2.83
N ALA E 95 5.13 15.05 -2.15
CA ALA E 95 4.50 13.77 -1.89
C ALA E 95 4.13 13.08 -3.19
N LEU E 96 3.63 13.85 -4.15
CA LEU E 96 3.27 13.31 -5.45
C LEU E 96 4.50 12.79 -6.20
N GLN E 97 5.59 13.53 -6.12
CA GLN E 97 6.80 13.16 -6.86
C GLN E 97 7.31 11.81 -6.40
N GLU E 98 7.30 11.57 -5.10
CA GLU E 98 7.77 10.31 -4.56
C GLU E 98 6.88 9.16 -5.01
N ALA E 99 5.56 9.39 -4.97
CA ALA E 99 4.60 8.38 -5.39
C ALA E 99 4.72 8.07 -6.87
N CYS E 100 4.94 9.11 -7.67
CA CYS E 100 4.98 8.96 -9.12
C CYS E 100 6.15 8.13 -9.58
N GLU E 101 7.33 8.39 -9.03
CA GLU E 101 8.50 7.61 -9.43
C GLU E 101 8.37 6.17 -8.97
N ALA E 102 7.89 5.98 -7.75
CA ALA E 102 7.73 4.63 -7.23
C ALA E 102 6.77 3.83 -8.12
N TYR E 103 5.70 4.49 -8.56
CA TYR E 103 4.74 3.89 -9.46
C TYR E 103 5.37 3.45 -10.77
N LEU E 104 6.10 4.36 -11.40
CA LEU E 104 6.69 4.08 -12.71
C LEU E 104 7.78 3.03 -12.62
N VAL E 105 8.54 3.06 -11.53
CA VAL E 105 9.63 2.09 -11.35
C VAL E 105 9.07 0.69 -11.25
N GLY E 106 7.99 0.53 -10.49
CA GLY E 106 7.36 -0.78 -10.37
C GLY E 106 6.89 -1.29 -11.72
N LEU E 107 6.34 -0.39 -12.54
CA LEU E 107 5.90 -0.77 -13.87
C LEU E 107 7.08 -1.17 -14.74
N PHE E 108 8.19 -0.45 -14.62
CA PHE E 108 9.39 -0.77 -15.39
C PHE E 108 9.92 -2.14 -15.04
N GLU E 109 9.88 -2.48 -13.75
CA GLU E 109 10.34 -3.79 -13.32
C GLU E 109 9.51 -4.91 -13.92
N ASP E 110 8.19 -4.74 -13.95
CA ASP E 110 7.31 -5.74 -14.54
C ASP E 110 7.50 -5.81 -16.04
N THR E 111 7.68 -4.66 -16.66
CA THR E 111 7.90 -4.58 -18.10
C THR E 111 9.15 -5.35 -18.48
N ASN E 112 10.20 -5.18 -17.68
CA ASN E 112 11.47 -5.86 -17.92
C ASN E 112 11.29 -7.37 -17.80
N LEU E 113 10.52 -7.82 -16.82
CA LEU E 113 10.26 -9.25 -16.65
C LEU E 113 9.49 -9.82 -17.82
N CYS E 114 8.53 -9.06 -18.34
CA CYS E 114 7.74 -9.51 -19.47
C CYS E 114 8.64 -9.73 -20.69
N ALA E 115 9.56 -8.79 -20.90
CA ALA E 115 10.49 -8.90 -22.02
C ALA E 115 11.39 -10.12 -21.85
N ILE E 116 11.81 -10.38 -20.60
CA ILE E 116 12.65 -11.52 -20.30
C ILE E 116 11.91 -12.83 -20.53
N HIS E 117 10.64 -12.89 -20.15
CA HIS E 117 9.83 -14.07 -20.35
C HIS E 117 9.77 -14.43 -21.83
N ALA E 118 9.72 -13.40 -22.68
CA ALA E 118 9.71 -13.57 -24.11
C ALA E 118 11.13 -13.76 -24.66
N LYS E 119 12.09 -13.85 -23.74
CA LYS E 119 13.50 -14.06 -24.06
C LYS E 119 14.09 -12.88 -24.83
N ARG E 120 13.56 -11.70 -24.58
CA ARG E 120 14.05 -10.48 -25.20
C ARG E 120 14.82 -9.61 -24.21
N VAL E 121 15.63 -8.71 -24.73
CA VAL E 121 16.42 -7.81 -23.90
C VAL E 121 15.78 -6.42 -23.84
N THR E 122 15.27 -5.95 -24.96
CA THR E 122 14.67 -4.63 -25.02
C THR E 122 13.25 -4.65 -24.47
N ILE E 123 12.84 -3.52 -23.90
CA ILE E 123 11.45 -3.36 -23.51
C ILE E 123 10.67 -2.61 -24.59
N MET E 124 9.42 -3.03 -24.79
CA MET E 124 8.53 -2.39 -25.75
C MET E 124 7.16 -2.15 -25.10
N PRO E 125 6.35 -1.25 -25.66
CA PRO E 125 5.01 -0.91 -25.21
C PRO E 125 4.14 -2.14 -25.05
N LYS E 126 4.37 -3.16 -25.87
CA LYS E 126 3.61 -4.40 -25.76
C LYS E 126 3.89 -5.10 -24.43
N ASP E 127 5.10 -4.95 -23.90
CA ASP E 127 5.45 -5.56 -22.62
C ASP E 127 4.81 -4.77 -21.49
N ILE E 128 4.79 -3.45 -21.65
CA ILE E 128 4.15 -2.58 -20.68
C ILE E 128 2.66 -2.90 -20.62
N GLN E 129 2.06 -3.06 -21.80
CA GLN E 129 0.63 -3.30 -21.91
C GLN E 129 0.24 -4.62 -21.26
N LEU E 130 1.07 -5.64 -21.41
CA LEU E 130 0.76 -6.91 -20.76
C LEU E 130 0.77 -6.75 -19.25
N ALA E 131 1.80 -6.08 -18.73
CA ALA E 131 1.92 -5.89 -17.29
C ALA E 131 0.75 -5.05 -16.77
N ARG E 132 0.38 -4.03 -17.54
CA ARG E 132 -0.70 -3.14 -17.13
C ARG E 132 -2.04 -3.87 -17.14
N ARG E 133 -2.25 -4.70 -18.16
CA ARG E 133 -3.50 -5.45 -18.26
C ARG E 133 -3.64 -6.45 -17.12
N ILE E 134 -2.56 -7.14 -16.80
CA ILE E 134 -2.56 -8.13 -15.73
C ILE E 134 -2.80 -7.44 -14.39
N ARG E 135 -2.28 -6.23 -14.26
CA ARG E 135 -2.42 -5.44 -13.03
C ARG E 135 -3.74 -4.69 -12.98
N GLY E 136 -4.59 -4.90 -13.99
CA GLY E 136 -5.95 -4.37 -13.98
C GLY E 136 -6.14 -3.03 -14.71
N GLU E 137 -5.06 -2.48 -15.29
CA GLU E 137 -5.13 -1.23 -16.05
C GLU E 137 -5.52 -1.52 -17.50
N ARG F 27 0.08 24.46 -20.15
CA ARG F 27 0.07 23.41 -21.18
C ARG F 27 1.46 22.85 -21.43
N ASP F 28 1.51 21.63 -21.94
CA ASP F 28 2.74 21.00 -22.42
C ASP F 28 3.88 21.03 -21.42
N ASN F 29 3.58 20.69 -20.17
CA ASN F 29 4.62 20.58 -19.16
C ASN F 29 5.11 19.15 -19.02
N ILE F 30 4.38 18.21 -19.61
CA ILE F 30 4.77 16.81 -19.55
C ILE F 30 6.03 16.56 -20.37
N GLN F 31 6.23 17.38 -21.41
CA GLN F 31 7.43 17.33 -22.22
C GLN F 31 8.63 17.82 -21.42
N GLY F 32 8.36 18.49 -20.29
CA GLY F 32 9.41 18.97 -19.40
C GLY F 32 10.20 17.80 -18.82
N ILE F 33 9.58 16.62 -18.81
CA ILE F 33 10.30 15.41 -18.46
C ILE F 33 10.87 14.80 -19.72
N THR F 34 12.20 14.89 -19.83
CA THR F 34 12.88 14.64 -21.08
C THR F 34 13.24 13.18 -21.25
N LYS F 35 13.66 12.81 -22.46
CA LYS F 35 14.00 11.43 -22.74
C LYS F 35 15.04 10.85 -21.76
N PRO F 36 16.12 11.57 -21.43
CA PRO F 36 17.11 11.17 -20.44
C PRO F 36 16.48 10.90 -19.08
N ALA F 37 15.46 11.66 -18.72
CA ALA F 37 14.78 11.44 -17.45
C ALA F 37 14.07 10.10 -17.45
N ILE F 38 13.48 9.76 -18.60
CA ILE F 38 12.79 8.50 -18.75
C ILE F 38 13.79 7.36 -18.66
N ARG F 39 14.94 7.56 -19.29
CA ARG F 39 15.99 6.54 -19.27
C ARG F 39 16.49 6.30 -17.86
N ARG F 40 16.63 7.36 -17.08
CA ARG F 40 17.09 7.23 -15.71
C ARG F 40 16.09 6.43 -14.88
N LEU F 41 14.80 6.72 -15.07
CA LEU F 41 13.76 6.01 -14.35
C LEU F 41 13.74 4.54 -14.72
N ALA F 42 13.88 4.26 -16.01
CA ALA F 42 13.88 2.88 -16.49
C ALA F 42 15.06 2.12 -15.91
N ARG F 43 16.20 2.81 -15.79
CA ARG F 43 17.39 2.22 -15.22
C ARG F 43 17.21 1.89 -13.74
N ARG F 44 16.54 2.77 -13.01
CA ARG F 44 16.23 2.49 -11.61
C ARG F 44 15.39 1.22 -11.52
N GLY F 45 14.55 1.00 -12.53
CA GLY F 45 13.68 -0.18 -12.58
C GLY F 45 14.41 -1.41 -13.13
N GLY F 46 15.71 -1.29 -13.39
CA GLY F 46 16.52 -2.42 -13.81
C GLY F 46 16.51 -2.64 -15.32
N VAL F 47 15.96 -1.72 -16.07
CA VAL F 47 15.88 -1.86 -17.52
C VAL F 47 17.22 -1.59 -18.18
N LYS F 48 17.70 -2.57 -18.96
CA LYS F 48 18.98 -2.45 -19.63
C LYS F 48 18.89 -1.81 -21.01
N ARG F 49 17.83 -2.15 -21.75
CA ARG F 49 17.69 -1.72 -23.13
C ARG F 49 16.29 -1.18 -23.40
N ILE F 50 16.22 -0.02 -24.04
CA ILE F 50 14.96 0.70 -24.18
C ILE F 50 14.61 0.96 -25.64
N SER F 51 13.41 0.57 -26.05
CA SER F 51 12.94 0.89 -27.40
C SER F 51 12.51 2.35 -27.50
N GLY F 52 12.45 2.87 -28.71
CA GLY F 52 12.18 4.29 -28.92
C GLY F 52 10.73 4.67 -28.66
N LEU F 53 9.86 3.68 -28.51
CA LEU F 53 8.43 3.93 -28.30
C LEU F 53 8.07 4.04 -26.82
N ILE F 54 9.02 3.76 -25.95
CA ILE F 54 8.77 3.74 -24.51
C ILE F 54 8.43 5.12 -23.98
N TYR F 55 9.06 6.14 -24.52
CA TYR F 55 8.97 7.48 -23.95
C TYR F 55 7.56 8.02 -24.02
N GLU F 56 6.91 7.84 -25.16
CA GLU F 56 5.54 8.29 -25.33
C GLU F 56 4.58 7.47 -24.48
N GLU F 57 4.82 6.17 -24.43
CA GLU F 57 3.97 5.27 -23.65
C GLU F 57 4.07 5.61 -22.17
N THR F 58 5.29 5.90 -21.70
CA THR F 58 5.53 6.22 -20.31
C THR F 58 4.84 7.50 -19.89
N ARG F 59 4.89 8.51 -20.75
CA ARG F 59 4.26 9.78 -20.45
C ARG F 59 2.74 9.64 -20.33
N GLY F 60 2.15 8.83 -21.20
CA GLY F 60 0.72 8.58 -21.14
C GLY F 60 0.32 7.92 -19.82
N VAL F 61 1.12 6.95 -19.39
CA VAL F 61 0.86 6.24 -18.14
C VAL F 61 0.94 7.16 -16.93
N LEU F 62 1.96 8.01 -16.90
CA LEU F 62 2.11 8.93 -15.77
C LEU F 62 0.97 9.94 -15.73
N LYS F 63 0.56 10.42 -16.90
CA LYS F 63 -0.51 11.39 -16.97
C LYS F 63 -1.78 10.86 -16.31
N VAL F 64 -2.08 9.59 -16.58
CA VAL F 64 -3.25 8.97 -15.98
C VAL F 64 -3.11 8.88 -14.47
N PHE F 65 -1.93 8.47 -14.01
CA PHE F 65 -1.66 8.35 -12.58
C PHE F 65 -1.87 9.68 -11.87
N LEU F 66 -1.29 10.74 -12.44
CA LEU F 66 -1.42 12.07 -11.86
C LEU F 66 -2.87 12.54 -11.83
N GLU F 67 -3.59 12.28 -12.91
CA GLU F 67 -4.98 12.71 -12.98
C GLU F 67 -5.80 12.07 -11.88
N ASN F 68 -5.56 10.78 -11.64
CA ASN F 68 -6.33 10.06 -10.64
C ASN F 68 -6.07 10.59 -9.23
N VAL F 69 -4.80 10.78 -8.89
CA VAL F 69 -4.45 11.24 -7.55
C VAL F 69 -4.88 12.68 -7.33
N ILE F 70 -4.63 13.53 -8.33
CA ILE F 70 -4.93 14.95 -8.21
C ILE F 70 -6.42 15.17 -8.12
N ARG F 71 -7.19 14.47 -8.94
CA ARG F 71 -8.64 14.64 -8.96
C ARG F 71 -9.24 14.35 -7.59
N ASP F 72 -8.74 13.29 -6.94
CA ASP F 72 -9.22 12.96 -5.60
C ASP F 72 -8.77 13.98 -4.57
N ALA F 73 -7.53 14.43 -4.69
CA ALA F 73 -6.99 15.42 -3.74
C ALA F 73 -7.75 16.73 -3.86
N VAL F 74 -8.08 17.13 -5.08
CA VAL F 74 -8.84 18.35 -5.31
C VAL F 74 -10.25 18.22 -4.78
N THR F 75 -10.84 17.04 -4.96
CA THR F 75 -12.18 16.78 -4.45
C THR F 75 -12.22 16.93 -2.94
N TYR F 76 -11.22 16.39 -2.27
CA TYR F 76 -11.12 16.53 -0.82
C TYR F 76 -10.99 17.99 -0.41
N THR F 77 -10.18 18.74 -1.16
CA THR F 77 -9.98 20.15 -0.88
C THR F 77 -11.28 20.92 -1.04
N GLU F 78 -12.03 20.61 -2.11
CA GLU F 78 -13.29 21.28 -2.38
C GLU F 78 -14.35 20.97 -1.33
N HIS F 79 -14.39 19.73 -0.88
CA HIS F 79 -15.36 19.31 0.13
C HIS F 79 -15.16 20.11 1.41
N ALA F 80 -13.90 20.35 1.75
CA ALA F 80 -13.54 21.11 2.93
C ALA F 80 -13.71 22.61 2.71
N LYS F 81 -14.13 22.98 1.50
CA LYS F 81 -14.33 24.37 1.12
C LYS F 81 -13.04 25.17 1.20
N ARG F 82 -11.93 24.52 0.87
CA ARG F 82 -10.62 25.16 0.88
C ARG F 82 -10.17 25.48 -0.54
N LYS F 83 -9.24 26.41 -0.68
CA LYS F 83 -8.68 26.73 -1.98
C LYS F 83 -7.24 26.26 -2.12
N THR F 84 -6.61 25.96 -0.99
CA THR F 84 -5.23 25.48 -1.00
C THR F 84 -5.20 23.98 -0.76
N VAL F 85 -4.52 23.27 -1.66
CA VAL F 85 -4.36 21.83 -1.56
C VAL F 85 -3.19 21.48 -0.64
N THR F 86 -3.41 20.54 0.28
CA THR F 86 -2.38 20.16 1.23
C THR F 86 -1.92 18.73 1.03
N ALA F 87 -0.81 18.38 1.68
CA ALA F 87 -0.26 17.04 1.58
C ALA F 87 -1.26 15.99 2.03
N MET F 88 -2.10 16.34 3.00
CA MET F 88 -3.08 15.40 3.51
C MET F 88 -4.16 15.09 2.48
N ASP F 89 -4.45 16.04 1.59
CA ASP F 89 -5.39 15.80 0.52
C ASP F 89 -4.81 14.77 -0.43
N VAL F 90 -3.50 14.89 -0.66
CA VAL F 90 -2.76 13.93 -1.46
C VAL F 90 -2.71 12.56 -0.77
N VAL F 91 -2.47 12.57 0.54
CA VAL F 91 -2.40 11.34 1.30
C VAL F 91 -3.73 10.61 1.28
N TYR F 92 -4.82 11.35 1.46
CA TYR F 92 -6.15 10.75 1.40
C TYR F 92 -6.41 10.22 -0.01
N ALA F 93 -6.00 10.98 -1.01
CA ALA F 93 -6.19 10.57 -2.39
C ALA F 93 -5.45 9.28 -2.69
N LEU F 94 -4.22 9.17 -2.18
CA LEU F 94 -3.42 7.97 -2.37
C LEU F 94 -3.94 6.82 -1.50
N LYS F 95 -4.32 7.14 -0.28
CA LYS F 95 -4.73 6.12 0.69
C LYS F 95 -5.94 5.35 0.18
N ARG F 96 -6.90 6.05 -0.40
CA ARG F 96 -8.11 5.41 -0.91
C ARG F 96 -7.81 4.62 -2.18
N GLN F 97 -6.63 4.84 -2.74
CA GLN F 97 -6.19 4.11 -3.93
C GLN F 97 -5.27 2.96 -3.55
N GLY F 98 -5.21 2.64 -2.26
CA GLY F 98 -4.43 1.51 -1.78
C GLY F 98 -2.96 1.84 -1.64
N ARG F 99 -2.63 3.13 -1.63
CA ARG F 99 -1.24 3.55 -1.50
C ARG F 99 -1.06 4.52 -0.35
N THR F 100 -0.33 4.10 0.68
CA THR F 100 -0.04 5.01 1.78
C THR F 100 1.39 5.52 1.69
N LEU F 101 1.65 6.65 2.31
CA LEU F 101 2.96 7.29 2.22
C LEU F 101 3.44 7.78 3.59
N TYR F 102 4.53 7.20 4.08
CA TYR F 102 5.06 7.60 5.38
C TYR F 102 6.04 8.75 5.23
N GLY F 103 5.96 9.69 6.18
CA GLY F 103 6.89 10.82 6.22
C GLY F 103 6.21 12.15 5.90
N PHE F 104 5.17 12.10 5.06
CA PHE F 104 4.47 13.30 4.63
C PHE F 104 3.23 13.61 5.45
N GLY F 105 2.96 12.79 6.45
CA GLY F 105 1.76 12.96 7.28
C GLY F 105 0.83 11.76 7.17
N SER G 22 -40.77 8.11 2.20
CA SER G 22 -40.49 7.62 0.86
C SER G 22 -41.50 8.20 -0.11
N SER G 23 -42.75 8.31 0.31
CA SER G 23 -43.79 8.89 -0.53
C SER G 23 -43.52 10.37 -0.76
N ARG G 24 -43.13 11.07 0.29
CA ARG G 24 -42.85 12.49 0.21
C ARG G 24 -41.69 12.77 -0.74
N ALA G 25 -40.67 11.91 -0.68
CA ALA G 25 -39.48 12.06 -1.51
C ALA G 25 -39.70 11.57 -2.94
N GLY G 26 -40.82 10.90 -3.18
CA GLY G 26 -41.08 10.30 -4.49
C GLY G 26 -40.21 9.06 -4.72
N LEU G 27 -39.84 8.38 -3.64
CA LEU G 27 -38.95 7.23 -3.72
C LEU G 27 -39.68 5.93 -3.45
N GLN G 28 -39.18 4.85 -4.03
CA GLN G 28 -39.70 3.52 -3.74
C GLN G 28 -38.98 2.94 -2.53
N PHE G 29 -37.70 3.28 -2.40
CA PHE G 29 -36.90 2.75 -1.31
C PHE G 29 -37.27 3.41 0.01
N PRO G 30 -37.16 2.68 1.12
CA PRO G 30 -37.48 3.09 2.47
C PRO G 30 -36.48 4.13 2.96
N VAL G 31 -37.01 5.22 3.53
CA VAL G 31 -36.16 6.25 4.09
C VAL G 31 -35.80 5.93 5.54
N GLY G 32 -36.79 5.42 6.28
CA GLY G 32 -36.61 5.11 7.69
C GLY G 32 -35.52 4.07 7.91
N ARG G 33 -35.50 3.04 7.08
CA ARG G 33 -34.50 1.99 7.22
C ARG G 33 -33.10 2.53 6.96
N VAL G 34 -32.97 3.39 5.95
CA VAL G 34 -31.69 3.98 5.66
C VAL G 34 -31.22 4.85 6.80
N HIS G 35 -32.16 5.61 7.37
CA HIS G 35 -31.84 6.46 8.52
C HIS G 35 -31.38 5.62 9.70
N ARG G 36 -32.11 4.53 9.98
CA ARG G 36 -31.75 3.66 11.09
C ARG G 36 -30.37 3.06 10.91
N LEU G 37 -30.05 2.65 9.69
CA LEU G 37 -28.74 2.06 9.41
C LEU G 37 -27.63 3.08 9.57
N LEU G 38 -27.86 4.30 9.11
CA LEU G 38 -26.89 5.37 9.26
C LEU G 38 -26.75 5.77 10.72
N ARG G 39 -27.88 5.83 11.41
CA ARG G 39 -27.94 6.23 12.80
C ARG G 39 -27.28 5.20 13.70
N LYS G 40 -27.48 3.92 13.39
CA LYS G 40 -26.87 2.85 14.16
C LYS G 40 -25.99 1.99 13.28
N GLY G 41 -24.82 2.51 12.94
CA GLY G 41 -23.81 1.75 12.23
C GLY G 41 -22.41 2.23 12.59
N ASN G 42 -22.33 3.06 13.62
CA ASN G 42 -21.08 3.64 14.08
C ASN G 42 -20.37 4.43 12.99
N TYR G 43 -21.14 5.12 12.14
CA TYR G 43 -20.55 5.96 11.12
C TYR G 43 -20.25 7.34 11.68
N SER G 44 -21.10 7.80 12.59
CA SER G 44 -20.93 9.07 13.26
C SER G 44 -21.84 9.15 14.47
N GLU G 45 -21.67 10.21 15.25
CA GLU G 45 -22.56 10.46 16.38
C GLU G 45 -23.96 10.85 15.91
N ARG G 46 -24.03 11.68 14.87
CA ARG G 46 -25.30 12.24 14.43
C ARG G 46 -25.50 12.08 12.94
N VAL G 47 -26.77 12.02 12.52
CA VAL G 47 -27.13 11.95 11.11
C VAL G 47 -28.18 13.01 10.77
N GLY G 48 -27.97 13.74 9.69
CA GLY G 48 -28.92 14.78 9.31
C GLY G 48 -30.18 14.17 8.71
N ALA G 49 -31.30 14.88 8.88
CA ALA G 49 -32.60 14.36 8.46
C ALA G 49 -32.68 14.11 6.95
N GLY G 50 -32.01 14.96 6.18
CA GLY G 50 -32.07 14.87 4.72
C GLY G 50 -31.14 13.78 4.16
N ALA G 51 -30.19 13.32 4.98
CA ALA G 51 -29.19 12.39 4.48
C ALA G 51 -29.77 11.07 3.99
N PRO G 52 -30.67 10.41 4.75
CA PRO G 52 -31.33 9.16 4.40
C PRO G 52 -32.08 9.26 3.08
N VAL G 53 -32.68 10.42 2.83
CA VAL G 53 -33.44 10.64 1.61
C VAL G 53 -32.52 10.69 0.41
N TYR G 54 -31.43 11.44 0.55
CA TYR G 54 -30.46 11.57 -0.52
C TYR G 54 -29.88 10.20 -0.86
N LEU G 55 -29.51 9.45 0.16
CA LEU G 55 -28.90 8.14 -0.03
C LEU G 55 -29.87 7.12 -0.58
N ALA G 56 -31.11 7.14 -0.10
CA ALA G 56 -32.10 6.19 -0.57
C ALA G 56 -32.32 6.35 -2.07
N ALA G 57 -32.33 7.60 -2.53
CA ALA G 57 -32.48 7.90 -3.95
C ALA G 57 -31.32 7.34 -4.77
N VAL G 58 -30.11 7.47 -4.23
CA VAL G 58 -28.92 6.97 -4.92
C VAL G 58 -28.96 5.45 -5.02
N LEU G 59 -29.33 4.80 -3.93
CA LEU G 59 -29.38 3.35 -3.91
C LEU G 59 -30.45 2.83 -4.86
N GLU G 60 -31.58 3.53 -4.92
CA GLU G 60 -32.66 3.15 -5.82
C GLU G 60 -32.23 3.29 -7.27
N TYR G 61 -31.53 4.37 -7.57
CA TYR G 61 -31.08 4.62 -8.94
C TYR G 61 -30.12 3.55 -9.41
N LEU G 62 -29.13 3.23 -8.57
CA LEU G 62 -28.14 2.22 -8.92
C LEU G 62 -28.80 0.87 -9.10
N THR G 63 -29.76 0.56 -8.23
CA THR G 63 -30.50 -0.68 -8.32
C THR G 63 -31.25 -0.75 -9.65
N ALA G 64 -31.89 0.36 -10.01
CA ALA G 64 -32.65 0.42 -11.25
C ALA G 64 -31.76 0.21 -12.47
N GLU G 65 -30.55 0.75 -12.44
CA GLU G 65 -29.64 0.59 -13.56
C GLU G 65 -29.35 -0.88 -13.82
N ILE G 66 -29.10 -1.63 -12.75
CA ILE G 66 -28.81 -3.04 -12.88
C ILE G 66 -30.04 -3.82 -13.35
N LEU G 67 -31.19 -3.50 -12.76
CA LEU G 67 -32.41 -4.21 -13.09
C LEU G 67 -32.82 -3.98 -14.53
N GLU G 68 -32.60 -2.77 -15.04
CA GLU G 68 -32.95 -2.48 -16.42
C GLU G 68 -32.11 -3.33 -17.36
N LEU G 69 -30.81 -3.40 -17.09
CA LEU G 69 -29.91 -4.18 -17.91
C LEU G 69 -30.15 -5.67 -17.75
N ALA G 70 -30.40 -6.09 -16.51
CA ALA G 70 -30.63 -7.51 -16.22
C ALA G 70 -31.91 -8.00 -16.88
N GLY G 71 -32.93 -7.16 -16.89
CA GLY G 71 -34.18 -7.48 -17.55
C GLY G 71 -33.98 -7.64 -19.05
N ASN G 72 -33.11 -6.81 -19.61
CA ASN G 72 -32.77 -6.92 -21.02
C ASN G 72 -32.01 -8.21 -21.27
N ALA G 73 -31.11 -8.56 -20.36
CA ALA G 73 -30.34 -9.78 -20.50
C ALA G 73 -31.25 -11.00 -20.48
N ALA G 74 -32.27 -10.97 -19.62
CA ALA G 74 -33.23 -12.06 -19.57
C ALA G 74 -34.01 -12.15 -20.88
N ARG G 75 -34.39 -11.00 -21.41
CA ARG G 75 -35.15 -10.95 -22.66
C ARG G 75 -34.34 -11.49 -23.83
N ASP G 76 -33.05 -11.17 -23.84
CA ASP G 76 -32.16 -11.61 -24.91
C ASP G 76 -31.99 -13.12 -24.93
N ASN G 77 -32.31 -13.77 -23.82
CA ASN G 77 -32.21 -15.22 -23.74
C ASN G 77 -33.60 -15.85 -23.78
N LYS G 78 -34.59 -15.05 -24.17
CA LYS G 78 -35.98 -15.49 -24.29
C LYS G 78 -36.57 -15.87 -22.94
N LYS G 79 -35.99 -15.34 -21.86
CA LYS G 79 -36.49 -15.63 -20.53
C LYS G 79 -37.39 -14.52 -20.01
N THR G 80 -38.33 -14.88 -19.14
CA THR G 80 -39.20 -13.91 -18.49
C THR G 80 -38.80 -13.70 -17.04
N ARG G 81 -37.69 -14.31 -16.65
CA ARG G 81 -37.20 -14.21 -15.28
C ARG G 81 -35.70 -13.98 -15.26
N ILE G 82 -35.24 -13.24 -14.27
CA ILE G 82 -33.83 -12.94 -14.14
C ILE G 82 -33.11 -13.96 -13.27
N ILE G 83 -31.99 -14.45 -13.78
CA ILE G 83 -31.16 -15.39 -13.04
C ILE G 83 -29.76 -14.80 -12.91
N PRO G 84 -28.92 -15.32 -12.01
CA PRO G 84 -27.58 -14.85 -11.72
C PRO G 84 -26.74 -14.67 -12.97
N ARG G 85 -26.95 -15.52 -13.97
CA ARG G 85 -26.21 -15.39 -15.21
C ARG G 85 -26.55 -14.08 -15.91
N HIS G 86 -27.82 -13.69 -15.86
CA HIS G 86 -28.27 -12.47 -16.51
C HIS G 86 -27.65 -11.27 -15.81
N LEU G 87 -27.55 -11.35 -14.50
CA LEU G 87 -26.90 -10.30 -13.74
C LEU G 87 -25.44 -10.19 -14.12
N GLN G 88 -24.79 -11.35 -14.26
CA GLN G 88 -23.38 -11.40 -14.64
C GLN G 88 -23.17 -10.79 -16.02
N LEU G 89 -24.05 -11.12 -16.95
CA LEU G 89 -23.93 -10.60 -18.30
C LEU G 89 -24.16 -9.10 -18.32
N ALA G 90 -25.19 -8.65 -17.61
CA ALA G 90 -25.51 -7.22 -17.55
C ALA G 90 -24.37 -6.41 -16.92
N ILE G 91 -23.80 -6.96 -15.86
CA ILE G 91 -22.78 -6.27 -15.09
C ILE G 91 -21.44 -6.18 -15.82
N ARG G 92 -21.02 -7.28 -16.43
CA ARG G 92 -19.70 -7.31 -17.05
C ARG G 92 -19.68 -6.62 -18.41
N ASN G 93 -20.84 -6.52 -19.06
CA ASN G 93 -20.91 -5.78 -20.31
C ASN G 93 -20.96 -4.27 -20.08
N ASP G 94 -21.52 -3.86 -18.95
CA ASP G 94 -21.59 -2.46 -18.59
C ASP G 94 -20.31 -2.04 -17.87
N GLU G 95 -19.54 -1.14 -18.48
CA GLU G 95 -18.21 -0.81 -17.98
C GLU G 95 -18.25 -0.22 -16.57
N GLU G 96 -19.18 0.70 -16.35
CA GLU G 96 -19.26 1.36 -15.05
C GLU G 96 -19.57 0.36 -13.94
N LEU G 97 -20.50 -0.55 -14.20
CA LEU G 97 -20.83 -1.60 -13.24
C LEU G 97 -19.69 -2.59 -13.09
N ASN G 98 -19.03 -2.89 -14.20
CA ASN G 98 -17.92 -3.85 -14.18
C ASN G 98 -16.78 -3.36 -13.31
N LYS G 99 -16.49 -2.07 -13.40
CA LYS G 99 -15.47 -1.46 -12.56
C LYS G 99 -15.91 -1.44 -11.10
N LEU G 100 -17.17 -1.12 -10.88
CA LEU G 100 -17.73 -1.03 -9.54
C LEU G 100 -17.71 -2.39 -8.86
N LEU G 101 -17.99 -3.44 -9.62
CA LEU G 101 -18.02 -4.80 -9.10
C LEU G 101 -16.84 -5.62 -9.62
N GLY G 102 -15.72 -4.96 -9.87
CA GLY G 102 -14.58 -5.59 -10.51
C GLY G 102 -14.03 -6.79 -9.72
N ARG G 103 -14.20 -6.78 -8.41
CA ARG G 103 -13.68 -7.86 -7.57
C ARG G 103 -14.78 -8.69 -6.95
N VAL G 104 -16.02 -8.47 -7.37
CA VAL G 104 -17.16 -9.20 -6.83
C VAL G 104 -17.35 -10.54 -7.50
N THR G 105 -17.57 -11.57 -6.69
CA THR G 105 -17.90 -12.90 -7.19
C THR G 105 -19.40 -13.12 -7.05
N ILE G 106 -20.01 -13.58 -8.14
CA ILE G 106 -21.46 -13.76 -8.16
C ILE G 106 -21.82 -15.24 -8.20
N ALA G 107 -22.60 -15.69 -7.23
CA ALA G 107 -23.01 -17.09 -7.18
C ALA G 107 -23.80 -17.47 -8.41
N GLN G 108 -23.42 -18.57 -9.04
CA GLN G 108 -24.07 -19.08 -10.25
C GLN G 108 -24.10 -18.03 -11.36
N GLY G 109 -23.19 -17.07 -11.29
CA GLY G 109 -23.11 -16.01 -12.30
C GLY G 109 -22.55 -16.51 -13.62
N GLY G 110 -21.66 -17.49 -13.55
CA GLY G 110 -21.00 -18.01 -14.73
C GLY G 110 -19.95 -17.04 -15.23
N VAL G 111 -19.52 -17.22 -16.47
CA VAL G 111 -18.53 -16.35 -17.09
C VAL G 111 -19.02 -15.88 -18.45
N LEU G 112 -18.42 -14.83 -18.97
CA LEU G 112 -18.74 -14.40 -20.32
C LEU G 112 -17.93 -15.23 -21.32
N PRO G 113 -18.48 -15.46 -22.52
CA PRO G 113 -17.96 -16.31 -23.58
C PRO G 113 -16.85 -15.63 -24.38
N ASN G 114 -15.78 -15.27 -23.69
CA ASN G 114 -14.66 -14.60 -24.34
C ASN G 114 -13.61 -15.60 -24.83
N ILE G 115 -13.32 -15.54 -26.14
CA ILE G 115 -12.29 -16.38 -26.73
C ILE G 115 -11.33 -15.54 -27.56
N GLN G 116 -10.04 -15.82 -27.42
CA GLN G 116 -9.03 -15.04 -28.14
C GLN G 116 -8.95 -15.48 -29.60
N ALA G 117 -8.90 -14.49 -30.49
CA ALA G 117 -8.93 -14.73 -31.94
C ALA G 117 -7.77 -15.60 -32.41
N VAL G 118 -6.63 -15.48 -31.74
CA VAL G 118 -5.42 -16.20 -32.13
C VAL G 118 -5.60 -17.71 -32.00
N LEU G 119 -6.56 -18.11 -31.16
CA LEU G 119 -6.80 -19.52 -30.90
C LEU G 119 -7.68 -20.15 -31.98
N LEU G 120 -8.36 -19.30 -32.74
CA LEU G 120 -9.32 -19.78 -33.73
C LEU G 120 -8.61 -20.22 -35.01
N PRO G 121 -9.17 -21.18 -35.74
CA PRO G 121 -8.71 -21.69 -37.02
C PRO G 121 -9.00 -20.67 -38.12
N GLU H 39 -34.67 -8.88 7.85
CA GLU H 39 -35.06 -7.82 6.92
C GLU H 39 -34.41 -8.03 5.56
N SER H 40 -35.07 -7.55 4.51
CA SER H 40 -34.57 -7.67 3.16
C SER H 40 -35.13 -6.57 2.25
N TYR H 41 -34.58 -6.47 1.05
CA TYR H 41 -34.98 -5.43 0.11
C TYR H 41 -35.78 -6.00 -1.05
N SER H 42 -36.18 -7.25 -0.93
CA SER H 42 -36.78 -7.96 -2.06
C SER H 42 -38.05 -7.29 -2.55
N ILE H 43 -38.82 -6.72 -1.64
CA ILE H 43 -40.04 -6.02 -2.01
C ILE H 43 -39.73 -4.83 -2.89
N TYR H 44 -38.73 -4.06 -2.51
CA TYR H 44 -38.41 -2.82 -3.20
C TYR H 44 -37.71 -3.09 -4.52
N VAL H 45 -36.83 -4.09 -4.54
CA VAL H 45 -36.13 -4.46 -5.76
C VAL H 45 -37.13 -4.94 -6.80
N TYR H 46 -38.09 -5.76 -6.37
CA TYR H 46 -39.11 -6.27 -7.26
C TYR H 46 -40.00 -5.17 -7.81
N LYS H 47 -40.41 -4.24 -6.95
CA LYS H 47 -41.25 -3.14 -7.38
C LYS H 47 -40.56 -2.27 -8.42
N VAL H 48 -39.27 -2.00 -8.21
CA VAL H 48 -38.52 -1.22 -9.17
C VAL H 48 -38.44 -1.92 -10.51
N LEU H 49 -38.17 -3.22 -10.49
CA LEU H 49 -38.10 -3.99 -11.72
C LEU H 49 -39.41 -3.91 -12.48
N LYS H 50 -40.52 -4.08 -11.77
CA LYS H 50 -41.83 -4.04 -12.42
C LYS H 50 -42.09 -2.68 -13.06
N GLN H 51 -41.56 -1.63 -12.45
CA GLN H 51 -41.71 -0.29 -13.00
C GLN H 51 -40.82 -0.05 -14.21
N VAL H 52 -39.74 -0.83 -14.31
CA VAL H 52 -38.84 -0.74 -15.46
C VAL H 52 -39.21 -1.77 -16.52
N HIS H 53 -39.33 -3.03 -16.09
CA HIS H 53 -39.71 -4.14 -16.94
C HIS H 53 -40.87 -4.94 -16.34
N PRO H 54 -42.11 -4.54 -16.61
CA PRO H 54 -43.34 -5.07 -16.06
C PRO H 54 -43.54 -6.55 -16.38
N ASP H 55 -42.88 -7.03 -17.42
CA ASP H 55 -43.11 -8.38 -17.91
C ASP H 55 -42.06 -9.39 -17.47
N THR H 56 -41.26 -9.03 -16.47
CA THR H 56 -40.27 -9.98 -15.97
C THR H 56 -40.18 -10.01 -14.45
N GLY H 57 -39.67 -11.11 -13.91
CA GLY H 57 -39.51 -11.27 -12.47
C GLY H 57 -38.08 -11.66 -12.09
N ILE H 58 -37.87 -11.97 -10.81
CA ILE H 58 -36.53 -12.24 -10.29
C ILE H 58 -36.46 -13.61 -9.63
N SER H 59 -35.46 -14.41 -10.00
CA SER H 59 -35.24 -15.71 -9.38
C SER H 59 -34.72 -15.56 -7.95
N SER H 60 -34.87 -16.61 -7.16
CA SER H 60 -34.44 -16.57 -5.77
C SER H 60 -32.96 -16.26 -5.63
N LYS H 61 -32.14 -16.90 -6.46
CA LYS H 61 -30.71 -16.67 -6.41
C LYS H 61 -30.36 -15.25 -6.83
N ALA H 62 -31.04 -14.74 -7.86
CA ALA H 62 -30.80 -13.39 -8.33
C ALA H 62 -31.16 -12.38 -7.26
N MET H 63 -32.22 -12.65 -6.51
CA MET H 63 -32.64 -11.74 -5.45
C MET H 63 -31.66 -11.72 -4.30
N GLY H 64 -31.10 -12.87 -3.95
CA GLY H 64 -30.09 -12.95 -2.90
C GLY H 64 -28.88 -12.12 -3.27
N ILE H 65 -28.55 -12.14 -4.56
CA ILE H 65 -27.44 -11.34 -5.08
C ILE H 65 -27.75 -9.85 -4.99
N MET H 66 -28.98 -9.47 -5.34
CA MET H 66 -29.37 -8.06 -5.27
C MET H 66 -29.36 -7.54 -3.84
N ASN H 67 -29.74 -8.39 -2.88
CA ASN H 67 -29.69 -8.00 -1.49
C ASN H 67 -28.27 -7.81 -1.01
N SER H 68 -27.37 -8.69 -1.47
CA SER H 68 -25.97 -8.58 -1.13
C SER H 68 -25.39 -7.29 -1.71
N PHE H 69 -25.84 -6.96 -2.92
CA PHE H 69 -25.43 -5.74 -3.60
C PHE H 69 -25.80 -4.49 -2.81
N VAL H 70 -27.06 -4.42 -2.38
CA VAL H 70 -27.53 -3.22 -1.69
C VAL H 70 -26.74 -2.96 -0.42
N ASN H 71 -26.46 -4.02 0.34
CA ASN H 71 -25.69 -3.87 1.56
C ASN H 71 -24.27 -3.40 1.26
N ASP H 72 -23.71 -3.89 0.16
CA ASP H 72 -22.35 -3.53 -0.21
C ASP H 72 -22.25 -2.06 -0.59
N ILE H 73 -23.20 -1.59 -1.38
CA ILE H 73 -23.19 -0.20 -1.80
C ILE H 73 -23.40 0.73 -0.62
N PHE H 74 -24.30 0.36 0.27
CA PHE H 74 -24.57 1.18 1.45
C PHE H 74 -23.30 1.37 2.26
N GLU H 75 -22.59 0.27 2.51
CA GLU H 75 -21.38 0.33 3.30
C GLU H 75 -20.31 1.20 2.65
N ARG H 76 -20.16 1.09 1.34
CA ARG H 76 -19.15 1.87 0.64
C ARG H 76 -19.38 3.36 0.78
N ILE H 77 -20.62 3.79 0.57
CA ILE H 77 -20.94 5.21 0.64
C ILE H 77 -20.90 5.71 2.07
N ALA H 78 -21.50 4.95 2.98
CA ALA H 78 -21.53 5.32 4.38
C ALA H 78 -20.13 5.36 4.97
N GLY H 79 -19.27 4.45 4.51
CA GLY H 79 -17.89 4.41 4.96
C GLY H 79 -17.14 5.67 4.57
N GLU H 80 -17.28 6.09 3.32
CA GLU H 80 -16.59 7.29 2.85
C GLU H 80 -17.16 8.54 3.51
N ALA H 81 -18.48 8.57 3.67
CA ALA H 81 -19.13 9.71 4.31
C ALA H 81 -18.64 9.85 5.76
N SER H 82 -18.45 8.71 6.41
CA SER H 82 -17.90 8.69 7.77
C SER H 82 -16.48 9.22 7.79
N ARG H 83 -15.67 8.81 6.82
CA ARG H 83 -14.29 9.26 6.73
C ARG H 83 -14.21 10.75 6.45
N LEU H 84 -15.11 11.25 5.61
CA LEU H 84 -15.14 12.68 5.33
C LEU H 84 -15.46 13.46 6.60
N ALA H 85 -16.43 12.97 7.36
CA ALA H 85 -16.77 13.60 8.63
C ALA H 85 -15.59 13.54 9.59
N HIS H 86 -14.86 12.43 9.56
CA HIS H 86 -13.68 12.28 10.42
C HIS H 86 -12.58 13.25 10.03
N TYR H 87 -12.30 13.34 8.73
CA TYR H 87 -11.22 14.17 8.23
C TYR H 87 -11.45 15.62 8.61
N ASN H 88 -12.71 16.04 8.57
CA ASN H 88 -13.06 17.43 8.83
C ASN H 88 -13.52 17.64 10.27
N LYS H 89 -13.31 16.63 11.11
CA LYS H 89 -13.65 16.73 12.52
C LYS H 89 -15.09 17.14 12.75
N ARG H 90 -16.02 16.44 12.08
CA ARG H 90 -17.44 16.71 12.23
C ARG H 90 -18.15 15.49 12.80
N SER H 91 -19.14 15.75 13.65
CA SER H 91 -19.88 14.67 14.31
C SER H 91 -21.19 14.34 13.61
N THR H 92 -21.49 15.04 12.52
CA THR H 92 -22.76 14.84 11.82
C THR H 92 -22.54 14.51 10.35
N ILE H 93 -23.24 13.49 9.87
CA ILE H 93 -23.24 13.16 8.45
C ILE H 93 -24.45 13.74 7.75
N THR H 94 -24.20 14.56 6.74
CA THR H 94 -25.26 15.19 5.97
C THR H 94 -25.18 14.75 4.52
N SER H 95 -26.08 15.29 3.69
CA SER H 95 -26.11 14.95 2.28
C SER H 95 -24.83 15.39 1.58
N ARG H 96 -24.12 16.36 2.15
CA ARG H 96 -22.88 16.84 1.54
C ARG H 96 -21.81 15.75 1.55
N GLU H 97 -21.68 15.08 2.69
CA GLU H 97 -20.68 14.03 2.82
C GLU H 97 -21.04 12.86 1.90
N ILE H 98 -22.33 12.60 1.78
CA ILE H 98 -22.79 11.53 0.92
C ILE H 98 -22.60 11.89 -0.55
N GLN H 99 -22.93 13.13 -0.91
CA GLN H 99 -22.76 13.57 -2.29
C GLN H 99 -21.30 13.51 -2.71
N THR H 100 -20.41 13.91 -1.82
CA THR H 100 -18.98 13.83 -2.09
C THR H 100 -18.55 12.38 -2.19
N ALA H 101 -19.06 11.53 -1.31
CA ALA H 101 -18.75 10.12 -1.34
C ALA H 101 -19.19 9.49 -2.66
N VAL H 102 -20.35 9.92 -3.16
CA VAL H 102 -20.85 9.43 -4.43
C VAL H 102 -19.94 9.83 -5.58
N ARG H 103 -19.48 11.08 -5.57
CA ARG H 103 -18.58 11.56 -6.60
C ARG H 103 -17.25 10.83 -6.58
N LEU H 104 -16.74 10.54 -5.38
CA LEU H 104 -15.48 9.83 -5.23
C LEU H 104 -15.57 8.38 -5.67
N LEU H 105 -16.70 7.73 -5.35
CA LEU H 105 -16.84 6.30 -5.61
C LEU H 105 -17.23 5.98 -7.06
N LEU H 106 -18.20 6.71 -7.60
CA LEU H 106 -18.76 6.37 -8.90
C LEU H 106 -17.99 7.05 -10.03
N PRO H 107 -18.00 6.47 -11.24
CA PRO H 107 -17.43 7.01 -12.46
C PRO H 107 -18.25 8.19 -12.96
N GLY H 108 -17.66 8.97 -13.86
CA GLY H 108 -18.22 10.27 -14.24
C GLY H 108 -19.70 10.24 -14.57
N GLU H 109 -20.07 9.52 -15.62
CA GLU H 109 -21.45 9.56 -16.11
C GLU H 109 -22.42 9.03 -15.07
N LEU H 110 -22.03 7.95 -14.41
CA LEU H 110 -22.89 7.34 -13.41
C LEU H 110 -23.05 8.25 -12.20
N ALA H 111 -21.96 8.89 -11.79
CA ALA H 111 -21.98 9.80 -10.66
C ALA H 111 -22.90 10.98 -10.92
N LYS H 112 -22.88 11.51 -12.14
CA LYS H 112 -23.71 12.65 -12.45
C LYS H 112 -25.18 12.31 -12.28
N HIS H 113 -25.57 11.14 -12.77
CA HIS H 113 -26.95 10.72 -12.68
C HIS H 113 -27.36 10.39 -11.25
N ALA H 114 -26.48 9.71 -10.53
CA ALA H 114 -26.77 9.33 -9.14
C ALA H 114 -26.90 10.57 -8.25
N VAL H 115 -26.04 11.56 -8.48
CA VAL H 115 -26.06 12.79 -7.71
C VAL H 115 -27.32 13.60 -8.01
N SER H 116 -27.71 13.64 -9.28
CA SER H 116 -28.90 14.37 -9.66
C SER H 116 -30.13 13.79 -8.97
N GLU H 117 -30.22 12.47 -8.92
CA GLU H 117 -31.36 11.81 -8.30
C GLU H 117 -31.41 12.10 -6.80
N GLY H 118 -30.25 12.08 -6.15
CA GLY H 118 -30.17 12.37 -4.73
C GLY H 118 -30.61 13.79 -4.44
N THR H 119 -30.13 14.73 -5.26
CA THR H 119 -30.46 16.13 -5.09
C THR H 119 -31.95 16.36 -5.29
N LYS H 120 -32.52 15.75 -6.33
CA LYS H 120 -33.93 15.90 -6.62
C LYS H 120 -34.79 15.31 -5.52
N ALA H 121 -34.39 14.15 -5.00
CA ALA H 121 -35.16 13.49 -3.95
C ALA H 121 -35.26 14.35 -2.70
N VAL H 122 -34.17 15.00 -2.34
CA VAL H 122 -34.16 15.89 -1.19
C VAL H 122 -35.01 17.13 -1.49
N THR H 123 -34.86 17.65 -2.70
CA THR H 123 -35.61 18.83 -3.10
C THR H 123 -37.11 18.55 -3.07
N LYS H 124 -37.50 17.42 -3.65
CA LYS H 124 -38.90 17.02 -3.65
C LYS H 124 -39.39 16.72 -2.25
N TYR H 125 -38.57 16.03 -1.47
CA TYR H 125 -38.93 15.67 -0.11
C TYR H 125 -39.20 16.88 0.76
N THR H 126 -38.27 17.84 0.72
CA THR H 126 -38.40 19.04 1.53
C THR H 126 -39.52 19.92 1.01
N SER H 127 -39.79 19.81 -0.28
CA SER H 127 -40.92 20.51 -0.90
C SER H 127 -42.26 19.81 -0.69
N ALA H 128 -42.23 18.58 -0.15
CA ALA H 128 -43.43 17.75 0.03
C ALA H 128 -43.32 16.92 1.30
N LYS K 11 36.45 40.95 40.46
CA LYS K 11 36.92 39.70 41.03
C LYS K 11 36.57 38.50 40.13
N ASP K 12 35.39 38.56 39.49
CA ASP K 12 34.89 37.50 38.63
C ASP K 12 35.69 37.39 37.34
N LYS K 13 36.51 38.40 37.08
CA LYS K 13 37.40 38.39 35.93
C LYS K 13 38.37 37.22 36.03
N ALA K 14 38.65 36.79 37.26
CA ALA K 14 39.52 35.66 37.51
C ALA K 14 38.98 34.38 36.87
N LYS K 15 37.65 34.25 36.83
CA LYS K 15 37.02 33.07 36.26
C LYS K 15 37.35 32.92 34.79
N ARG K 16 37.57 34.04 34.12
CA ARG K 16 37.88 34.06 32.70
C ARG K 16 39.18 33.33 32.44
N VAL K 17 40.07 33.31 33.43
CA VAL K 17 41.35 32.65 33.28
C VAL K 17 41.15 31.16 33.02
N SER K 18 40.18 30.56 33.70
CA SER K 18 39.88 29.15 33.49
C SER K 18 39.37 28.95 32.06
N ARG K 19 38.54 29.89 31.60
CA ARG K 19 38.04 29.85 30.23
C ARG K 19 39.17 30.10 29.23
N ASN K 20 40.12 30.95 29.61
CA ASN K 20 41.29 31.21 28.78
C ASN K 20 42.13 29.95 28.67
N LYS K 21 42.23 29.22 29.78
CA LYS K 21 42.94 27.94 29.79
C LYS K 21 42.26 26.93 28.89
N SER K 22 40.94 26.95 28.88
CA SER K 22 40.16 26.05 28.04
C SER K 22 40.43 26.33 26.56
N GLU K 23 40.49 27.62 26.21
CA GLU K 23 40.81 28.02 24.85
C GLU K 23 42.24 27.60 24.51
N LYS K 24 43.15 27.75 25.48
CA LYS K 24 44.52 27.31 25.32
C LYS K 24 44.60 25.80 25.13
N LYS K 25 43.79 25.06 25.87
CA LYS K 25 43.78 23.61 25.76
C LYS K 25 43.40 23.17 24.35
N ARG K 26 42.40 23.85 23.77
CA ARG K 26 42.00 23.56 22.40
C ARG K 26 43.12 23.86 21.42
N ARG K 27 43.82 24.98 21.62
CA ARG K 27 44.94 25.34 20.77
C ARG K 27 46.08 24.35 20.90
N ASP K 28 46.32 23.89 22.13
CA ASP K 28 47.39 22.95 22.40
C ASP K 28 47.10 21.57 21.82
N GLN K 29 45.82 21.16 21.85
CA GLN K 29 45.45 19.90 21.22
C GLN K 29 45.74 19.96 19.72
N PHE K 30 45.46 21.12 19.13
CA PHE K 30 45.72 21.32 17.71
C PHE K 30 47.22 21.22 17.44
N ASN K 31 48.01 21.86 18.29
CA ASN K 31 49.46 21.89 18.12
C ASN K 31 50.07 20.50 18.26
N VAL K 32 49.53 19.70 19.18
CA VAL K 32 50.02 18.35 19.38
C VAL K 32 49.71 17.48 18.17
N LEU K 33 48.51 17.65 17.62
CA LEU K 33 48.12 16.90 16.43
C LEU K 33 48.94 17.32 15.22
N ILE K 34 49.30 18.60 15.13
CA ILE K 34 50.14 19.05 14.03
C ILE K 34 51.48 18.33 14.04
N LYS K 35 52.08 18.21 15.23
CA LYS K 35 53.35 17.52 15.35
C LYS K 35 53.22 16.04 14.98
N GLU K 36 52.15 15.40 15.46
CA GLU K 36 51.89 14.01 15.13
C GLU K 36 51.58 13.81 13.65
N LEU K 37 50.78 14.72 13.10
CA LEU K 37 50.38 14.64 11.71
C LEU K 37 51.59 14.76 10.80
N GLY K 38 52.47 15.70 11.09
CA GLY K 38 53.68 15.90 10.30
C GLY K 38 54.64 14.74 10.41
N SER K 39 54.81 14.21 11.62
CA SER K 39 55.76 13.14 11.87
C SER K 39 55.31 11.80 11.30
N MET K 40 54.02 11.69 11.00
CA MET K 40 53.46 10.44 10.51
C MET K 40 53.57 10.32 8.99
N LEU K 41 54.09 11.37 8.36
CA LEU K 41 54.21 11.41 6.90
C LEU K 41 55.57 10.85 6.48
N PRO K 42 55.66 10.30 5.26
CA PRO K 42 56.90 9.94 4.59
C PRO K 42 57.59 11.20 4.11
N GLY K 43 58.89 11.16 3.96
CA GLY K 43 59.63 12.34 3.51
C GLY K 43 59.59 13.43 4.59
N ASN K 44 59.70 13.01 5.85
CA ASN K 44 59.57 13.92 6.98
C ASN K 44 60.58 15.04 6.94
N ALA K 45 60.13 16.24 7.27
CA ALA K 45 61.01 17.41 7.35
C ALA K 45 60.72 18.22 8.59
N ARG K 46 61.77 18.81 9.16
CA ARG K 46 61.63 19.67 10.33
C ARG K 46 61.25 21.09 9.93
N LYS K 47 60.71 21.84 10.89
CA LYS K 47 60.42 23.26 10.73
C LYS K 47 59.25 23.55 9.80
N MET K 48 58.44 22.53 9.51
CA MET K 48 57.20 22.79 8.78
C MET K 48 56.24 23.57 9.67
N ASP K 49 55.66 24.62 9.12
CA ASP K 49 54.64 25.36 9.85
C ASP K 49 53.29 24.65 9.76
N LYS K 50 52.32 25.09 10.57
CA LYS K 50 51.05 24.38 10.67
C LYS K 50 50.38 24.23 9.30
N SER K 51 50.43 25.29 8.49
CA SER K 51 49.84 25.26 7.16
C SER K 51 50.57 24.27 6.26
N THR K 52 51.90 24.23 6.38
CA THR K 52 52.71 23.31 5.59
C THR K 52 52.48 21.86 5.99
N VAL K 53 52.33 21.61 7.28
CA VAL K 53 52.08 20.25 7.75
C VAL K 53 50.77 19.75 7.18
N LEU K 54 49.75 20.60 7.21
CA LEU K 54 48.45 20.26 6.65
C LEU K 54 48.54 20.08 5.13
N GLN K 55 49.29 20.95 4.47
CA GLN K 55 49.44 20.87 3.01
C GLN K 55 50.13 19.58 2.59
N LYS K 56 51.15 19.18 3.34
CA LYS K 56 51.88 17.97 3.02
C LYS K 56 51.05 16.73 3.39
N SER K 57 50.22 16.87 4.42
CA SER K 57 49.30 15.80 4.79
C SER K 57 48.24 15.60 3.72
N ILE K 58 47.78 16.71 3.14
CA ILE K 58 46.82 16.66 2.05
C ILE K 58 47.42 15.97 0.84
N ASP K 59 48.63 16.36 0.48
CA ASP K 59 49.30 15.77 -0.67
C ASP K 59 49.61 14.31 -0.44
N PHE K 60 49.99 13.95 0.78
CA PHE K 60 50.26 12.54 1.10
C PHE K 60 49.03 11.68 0.94
N LEU K 61 47.90 12.15 1.47
CA LEU K 61 46.67 11.36 1.40
C LEU K 61 46.17 11.26 -0.04
N ARG K 62 46.34 12.33 -0.81
CA ARG K 62 46.00 12.28 -2.23
C ARG K 62 46.89 11.27 -2.94
N LYS K 63 48.17 11.26 -2.58
CA LYS K 63 49.12 10.33 -3.17
C LYS K 63 48.84 8.90 -2.75
N HIS K 64 48.50 8.72 -1.48
CA HIS K 64 48.20 7.39 -0.95
C HIS K 64 46.95 6.84 -1.63
N LYS K 65 45.94 7.68 -1.74
CA LYS K 65 44.70 7.31 -2.42
C LYS K 65 44.97 7.01 -3.90
N GLU K 66 45.81 7.82 -4.53
CA GLU K 66 46.14 7.63 -5.93
C GLU K 66 46.87 6.32 -6.15
N THR K 67 47.82 6.00 -5.27
CA THR K 67 48.60 4.77 -5.43
C THR K 67 47.73 3.53 -5.26
N THR K 68 46.89 3.51 -4.23
CA THR K 68 46.05 2.35 -4.02
C THR K 68 45.03 2.21 -5.14
N ALA K 69 44.60 3.36 -5.68
CA ALA K 69 43.71 3.36 -6.84
C ALA K 69 44.45 2.96 -8.11
N GLN K 70 45.71 3.36 -8.20
CA GLN K 70 46.56 3.04 -9.35
C GLN K 70 46.80 1.54 -9.48
N SER K 71 46.83 0.86 -8.35
CA SER K 71 47.03 -0.59 -8.30
C SER K 71 45.82 -1.38 -8.80
N ASP K 72 44.70 -0.68 -9.01
CA ASP K 72 43.45 -1.36 -9.38
C ASP K 72 42.70 -0.61 -10.48
N ALA K 73 42.20 -1.36 -11.47
CA ALA K 73 41.47 -0.79 -12.62
C ALA K 73 42.34 0.16 -13.41
N ARG L 13 49.72 56.60 10.57
CA ARG L 13 50.64 55.88 9.70
C ARG L 13 50.87 54.46 10.20
N ILE L 14 51.57 54.33 11.33
CA ILE L 14 52.01 53.04 11.87
C ILE L 14 50.83 52.22 12.40
N LYS L 15 49.68 52.88 12.54
CA LYS L 15 48.47 52.20 12.95
C LYS L 15 48.10 51.11 11.94
N ASN L 16 48.42 51.34 10.69
CA ASN L 16 48.15 50.39 9.62
C ASN L 16 48.88 49.07 9.84
N ALA L 17 50.03 49.13 10.53
CA ALA L 17 50.81 47.94 10.77
C ALA L 17 50.05 46.95 11.63
N ARG L 18 49.28 47.45 12.60
CA ARG L 18 48.50 46.58 13.46
C ARG L 18 47.28 46.04 12.72
N GLU L 19 46.69 46.89 11.88
CA GLU L 19 45.55 46.45 11.07
C GLU L 19 46.01 45.38 10.08
N ALA L 20 47.18 45.59 9.49
CA ALA L 20 47.74 44.62 8.57
C ALA L 20 48.04 43.31 9.30
N HIS L 21 48.49 43.43 10.54
CA HIS L 21 48.81 42.25 11.34
C HIS L 21 47.57 41.39 11.59
N SER L 22 46.45 42.02 11.92
CA SER L 22 45.23 41.27 12.18
C SER L 22 44.71 40.63 10.91
N GLN L 23 44.96 41.27 9.77
CA GLN L 23 44.58 40.70 8.49
C GLN L 23 45.49 39.55 8.09
N ILE L 24 46.77 39.65 8.44
CA ILE L 24 47.71 38.56 8.22
C ILE L 24 47.33 37.36 9.06
N GLU L 25 46.97 37.61 10.31
CA GLU L 25 46.56 36.54 11.21
C GLU L 25 45.31 35.84 10.71
N LYS L 26 44.35 36.61 10.19
CA LYS L 26 43.16 35.98 9.63
C LYS L 26 43.50 35.20 8.36
N ARG L 27 44.40 35.74 7.55
CA ARG L 27 44.81 35.03 6.34
C ARG L 27 45.45 33.70 6.69
N ARG L 28 46.23 33.69 7.77
CA ARG L 28 46.84 32.44 8.24
C ARG L 28 45.75 31.46 8.68
N ARG L 29 44.74 31.96 9.39
CA ARG L 29 43.64 31.10 9.82
C ARG L 29 42.84 30.57 8.63
N ASP L 30 42.62 31.43 7.64
CA ASP L 30 41.83 31.05 6.47
C ASP L 30 42.54 29.99 5.65
N LYS L 31 43.86 30.13 5.53
CA LYS L 31 44.67 29.15 4.81
C LYS L 31 44.65 27.81 5.52
N MET L 32 44.76 27.84 6.85
CA MET L 32 44.71 26.62 7.64
C MET L 32 43.32 25.98 7.58
N ASN L 33 42.28 26.80 7.65
CA ASN L 33 40.92 26.31 7.63
C ASN L 33 40.58 25.67 6.30
N SER L 34 41.10 26.26 5.22
CA SER L 34 40.88 25.72 3.89
C SER L 34 41.55 24.36 3.75
N PHE L 35 42.74 24.24 4.33
CA PHE L 35 43.48 22.99 4.32
C PHE L 35 42.80 21.93 5.19
N ILE L 36 42.21 22.37 6.30
CA ILE L 36 41.52 21.43 7.18
C ILE L 36 40.31 20.81 6.49
N ASP L 37 39.55 21.61 5.76
CA ASP L 37 38.42 21.06 5.02
C ASP L 37 38.87 20.11 3.92
N GLU L 38 39.96 20.48 3.22
CA GLU L 38 40.49 19.63 2.17
C GLU L 38 41.05 18.33 2.74
N LEU L 39 41.71 18.42 3.89
CA LEU L 39 42.27 17.25 4.55
C LEU L 39 41.17 16.29 4.98
N ALA L 40 40.07 16.84 5.49
CA ALA L 40 38.94 16.04 5.93
C ALA L 40 38.34 15.23 4.78
N SER L 41 38.32 15.82 3.59
CA SER L 41 37.71 15.18 2.42
C SER L 41 38.47 13.95 1.97
N LEU L 42 39.73 13.83 2.40
CA LEU L 42 40.59 12.74 1.96
C LEU L 42 40.57 11.57 2.93
N VAL L 43 39.87 11.73 4.04
CA VAL L 43 39.72 10.66 5.02
C VAL L 43 38.33 10.04 4.92
N PRO L 44 38.22 8.76 4.53
CA PRO L 44 36.99 8.03 4.25
C PRO L 44 36.00 8.08 5.42
N THR L 45 36.52 8.16 6.64
CA THR L 45 35.67 8.19 7.83
C THR L 45 34.84 9.47 7.87
N CYS L 46 35.36 10.54 7.27
CA CYS L 46 34.68 11.83 7.22
C CYS L 46 33.42 11.76 6.37
N ASN L 47 33.37 10.78 5.47
CA ASN L 47 32.23 10.61 4.58
C ASN L 47 30.98 10.24 5.36
N ALA L 48 31.18 9.70 6.56
CA ALA L 48 30.07 9.28 7.40
C ALA L 48 29.46 10.45 8.16
N MET L 49 30.07 11.63 8.02
CA MET L 49 29.62 12.80 8.76
C MET L 49 28.78 13.72 7.86
N SER L 50 27.69 14.24 8.41
CA SER L 50 26.85 15.19 7.69
C SER L 50 27.27 16.63 7.95
N ARG L 51 27.49 16.94 9.23
CA ARG L 51 27.91 18.27 9.66
C ARG L 51 29.42 18.44 9.47
N LYS L 52 29.86 19.69 9.30
CA LYS L 52 31.28 19.96 9.13
C LYS L 52 32.02 19.65 10.43
N LEU L 53 33.12 18.92 10.31
CA LEU L 53 33.92 18.53 11.46
C LEU L 53 34.73 19.68 12.01
N ASP L 54 34.94 19.67 13.32
CA ASP L 54 35.77 20.67 13.98
C ASP L 54 37.24 20.46 13.68
N LYS L 55 38.03 21.52 13.87
CA LYS L 55 39.44 21.51 13.47
C LYS L 55 40.20 20.37 14.13
N LEU L 56 39.96 20.16 15.41
CA LEU L 56 40.70 19.16 16.17
C LEU L 56 40.34 17.75 15.72
N THR L 57 39.06 17.54 15.46
CA THR L 57 38.57 16.23 15.04
C THR L 57 39.13 15.81 13.68
N VAL L 58 39.22 16.76 12.75
CA VAL L 58 39.74 16.45 11.43
C VAL L 58 41.18 15.98 11.50
N LEU L 59 41.99 16.69 12.29
CA LEU L 59 43.39 16.33 12.44
C LEU L 59 43.53 14.96 13.11
N ARG L 60 42.68 14.69 14.11
CA ARG L 60 42.71 13.40 14.78
C ARG L 60 42.32 12.26 13.84
N MET L 61 41.34 12.50 12.99
CA MET L 61 40.91 11.47 12.06
C MET L 61 41.98 11.19 11.01
N ALA L 62 42.73 12.22 10.64
CA ALA L 62 43.80 12.05 9.66
C ALA L 62 44.91 11.16 10.20
N VAL L 63 45.29 11.34 11.46
CA VAL L 63 46.33 10.51 12.05
C VAL L 63 45.81 9.10 12.35
N GLN L 64 44.55 8.99 12.75
CA GLN L 64 43.95 7.70 12.99
C GLN L 64 43.83 6.89 11.71
N HIS L 65 43.48 7.57 10.62
CA HIS L 65 43.38 6.94 9.31
C HIS L 65 44.73 6.41 8.81
N MET L 66 45.79 7.19 9.00
CA MET L 66 47.14 6.81 8.59
C MET L 66 47.69 5.73 9.51
#